data_9BR6
#
_entry.id   9BR6
#
_cell.length_a   91.083
_cell.length_b   115.126
_cell.length_c   79.220
_cell.angle_alpha   90.00
_cell.angle_beta   100.79
_cell.angle_gamma   90.00
#
_symmetry.space_group_name_H-M   'C 1 2 1'
#
loop_
_entity.id
_entity.type
_entity.pdbx_description
1 polymer 'Succinate--hydroxymethylglutarate CoA-transferase'
2 water water
#
_entity_poly.entity_id   1
_entity_poly.type   'polypeptide(L)'
_entity_poly.pdbx_seq_one_letter_code
;GPGSPQSDMNNIKPLEGVKILDLTRVLAGPFATMNLGDLGAEVIKVERPGAGDDTRTWGPPFVGTESTYYLSVNRNKKSI
AVNIKDPKGVKIIKELAAVCDVFVENYVPGKLSAMGLGYEDIDEIAPHIIYCSITGYGQTGPISQRAGYDAVASAVSGLM
HITGPENGDPVRPGVAMTDLATGLYAYGAIMAGLIQKYKTGKGLFIDCNLLSSQVACLSHIAANYLIGQKEAKRWGTAHG
SIVPYQAFKTKDGYIVVGAGNNQQFATVCKILDLPELIDNSKYKTNHLRVHNRKELIKILSERFEEELTSKWLYLFEGSG
VPYGPINNMKNVFAEPQVLHNGLVMEMEHPTVGKISVPGPAVRYSKFKMSEARPPPLLGQHTTHILKEVLRYDDRAIGEL
LSAGVVDQHETH
;
_entity_poly.pdbx_strand_id   A,B
#
# COMPACT_ATOMS: atom_id res chain seq x y z
N MET A 9 28.37 -10.18 3.62
CA MET A 9 28.94 -9.20 4.55
C MET A 9 27.82 -8.42 5.22
N ASN A 10 27.72 -8.57 6.55
CA ASN A 10 26.67 -7.92 7.31
C ASN A 10 27.00 -6.43 7.49
N ASN A 11 25.99 -5.68 7.93
CA ASN A 11 26.09 -4.24 8.18
C ASN A 11 26.22 -3.42 6.91
N ILE A 12 25.90 -3.99 5.75
CA ILE A 12 26.00 -3.29 4.46
C ILE A 12 24.59 -3.01 3.95
N LYS A 13 24.19 -1.75 3.96
CA LYS A 13 22.85 -1.38 3.54
C LYS A 13 22.85 -0.79 2.14
N PRO A 14 21.80 -1.09 1.35
CA PRO A 14 21.80 -0.69 -0.06
C PRO A 14 21.87 0.82 -0.27
N LEU A 15 21.08 1.58 0.47
CA LEU A 15 21.01 3.03 0.31
C LEU A 15 21.97 3.79 1.19
N GLU A 16 22.99 3.13 1.73
CA GLU A 16 23.97 3.83 2.54
C GLU A 16 24.80 4.76 1.66
N GLY A 17 24.99 6.00 2.13
CA GLY A 17 25.64 7.03 1.36
C GLY A 17 24.73 7.88 0.50
N VAL A 18 23.41 7.68 0.60
CA VAL A 18 22.45 8.46 -0.15
C VAL A 18 21.81 9.47 0.80
N LYS A 19 21.95 10.75 0.50
CA LYS A 19 21.38 11.80 1.31
C LYS A 19 20.02 12.19 0.75
N ILE A 20 19.01 12.23 1.60
CA ILE A 20 17.66 12.57 1.21
C ILE A 20 17.24 13.82 1.95
N LEU A 21 16.83 14.84 1.21
CA LEU A 21 16.32 16.07 1.78
C LEU A 21 14.81 15.93 1.88
N ASP A 22 14.31 15.83 3.11
CA ASP A 22 12.92 15.48 3.37
C ASP A 22 12.19 16.71 3.93
N LEU A 23 11.20 17.19 3.18
CA LEU A 23 10.36 18.29 3.63
C LEU A 23 8.93 17.84 3.87
N THR A 24 8.69 16.53 3.93
CA THR A 24 7.34 16.01 4.01
C THR A 24 6.76 16.16 5.41
N ARG A 25 5.43 16.05 5.46
CA ARG A 25 4.68 16.21 6.70
C ARG A 25 3.55 15.19 6.70
N VAL A 26 2.86 15.11 7.84
CA VAL A 26 1.75 14.20 8.05
C VAL A 26 2.21 12.75 7.88
N LEU A 27 1.58 12.00 6.99
CA LEU A 27 1.78 10.55 6.96
C LEU A 27 2.37 10.03 5.66
N ALA A 28 1.83 10.42 4.51
CA ALA A 28 2.24 9.81 3.24
C ALA A 28 3.75 9.95 3.02
N GLY A 29 4.26 11.17 3.10
CA GLY A 29 5.66 11.43 2.88
C GLY A 29 6.59 10.83 3.92
N PRO A 30 6.32 11.10 5.21
CA PRO A 30 7.20 10.53 6.26
C PRO A 30 7.26 9.01 6.24
N PHE A 31 6.17 8.33 5.89
CA PHE A 31 6.20 6.88 5.77
C PHE A 31 7.14 6.42 4.67
N ALA A 32 7.19 7.17 3.57
CA ALA A 32 8.09 6.81 2.48
C ALA A 32 9.55 6.97 2.91
N THR A 33 9.89 8.13 3.49
CA THR A 33 11.26 8.39 3.88
C THR A 33 11.70 7.49 5.03
N MET A 34 10.77 7.10 5.91
CA MET A 34 11.12 6.19 6.99
C MET A 34 11.61 4.85 6.43
N ASN A 35 10.89 4.30 5.45
CA ASN A 35 11.30 3.05 4.83
C ASN A 35 12.61 3.19 4.08
N LEU A 36 12.86 4.36 3.48
CA LEU A 36 14.16 4.63 2.88
C LEU A 36 15.24 4.77 3.95
N GLY A 37 14.89 5.34 5.11
CA GLY A 37 15.85 5.43 6.21
C GLY A 37 16.26 4.06 6.73
N ASP A 38 15.31 3.12 6.77
CA ASP A 38 15.64 1.75 7.15
C ASP A 38 16.64 1.12 6.19
N LEU A 39 16.53 1.44 4.90
CA LEU A 39 17.42 0.88 3.90
C LEU A 39 18.82 1.48 3.94
N GLY A 40 19.09 2.43 4.83
CA GLY A 40 20.43 2.96 5.01
C GLY A 40 20.64 4.38 4.50
N ALA A 41 19.63 5.01 3.92
CA ALA A 41 19.79 6.37 3.45
C ALA A 41 19.87 7.35 4.61
N GLU A 42 20.59 8.45 4.40
CA GLU A 42 20.65 9.53 5.37
C GLU A 42 19.53 10.51 5.05
N VAL A 43 18.54 10.59 5.95
CA VAL A 43 17.34 11.38 5.74
C VAL A 43 17.45 12.64 6.59
N ILE A 44 17.40 13.79 5.94
CA ILE A 44 17.41 15.07 6.63
C ILE A 44 15.98 15.61 6.58
N LYS A 45 15.37 15.76 7.74
CA LYS A 45 13.99 16.20 7.85
C LYS A 45 13.97 17.69 8.14
N VAL A 46 13.33 18.46 7.26
CA VAL A 46 13.21 19.90 7.39
C VAL A 46 11.86 20.20 7.99
N GLU A 47 11.83 20.93 9.10
CA GLU A 47 10.60 21.23 9.80
C GLU A 47 10.52 22.73 10.07
N ARG A 48 9.30 23.21 10.31
CA ARG A 48 9.11 24.60 10.65
C ARG A 48 9.63 24.87 12.05
N PRO A 49 10.38 25.94 12.27
CA PRO A 49 10.82 26.26 13.64
C PRO A 49 9.61 26.60 14.51
N GLY A 50 9.64 26.09 15.72
CA GLY A 50 8.54 26.33 16.65
C GLY A 50 7.43 25.31 16.59
N ALA A 51 6.92 25.04 15.39
CA ALA A 51 5.81 24.12 15.20
C ALA A 51 6.27 22.73 14.78
N GLY A 52 7.17 22.66 13.80
CA GLY A 52 7.63 21.37 13.30
C GLY A 52 6.56 20.68 12.45
N ASP A 53 6.73 19.37 12.33
CA ASP A 53 5.78 18.54 11.59
C ASP A 53 4.40 18.62 12.24
N ASP A 54 3.36 18.56 11.39
CA ASP A 54 1.99 18.66 11.89
C ASP A 54 1.68 17.56 12.90
N THR A 55 2.22 16.36 12.69
CA THR A 55 1.92 15.23 13.56
C THR A 55 2.42 15.44 14.98
N ARG A 56 3.39 16.34 15.19
CA ARG A 56 3.92 16.57 16.54
C ARG A 56 2.83 17.05 17.48
N THR A 57 1.89 17.86 16.99
CA THR A 57 0.81 18.39 17.82
C THR A 57 -0.41 17.47 17.85
N TRP A 58 -0.39 16.35 17.11
CA TRP A 58 -1.53 15.44 17.03
C TRP A 58 -1.50 14.47 18.22
N GLY A 59 -1.87 15.00 19.38
CA GLY A 59 -1.96 14.22 20.59
C GLY A 59 -3.15 14.65 21.44
N PRO A 60 -3.53 13.83 22.44
CA PRO A 60 -2.89 12.59 22.92
C PRO A 60 -3.09 11.42 21.96
N PRO A 61 -2.33 10.31 22.09
CA PRO A 61 -1.36 9.99 23.16
C PRO A 61 -0.04 10.75 23.04
N PHE A 62 0.43 11.29 24.16
CA PHE A 62 1.67 12.03 24.24
C PHE A 62 2.61 11.32 25.20
N VAL A 63 3.84 11.05 24.77
CA VAL A 63 4.86 10.57 25.67
C VAL A 63 5.96 11.62 25.74
N GLY A 64 6.14 12.20 26.93
CA GLY A 64 6.99 13.36 27.04
C GLY A 64 6.43 14.51 26.25
N THR A 65 7.26 15.09 25.38
CA THR A 65 6.81 16.17 24.49
C THR A 65 6.56 15.69 23.07
N GLU A 66 6.71 14.39 22.81
CA GLU A 66 6.59 13.83 21.47
C GLU A 66 5.30 13.01 21.38
N SER A 67 4.51 13.27 20.35
CA SER A 67 3.30 12.49 20.13
C SER A 67 3.65 11.11 19.60
N THR A 68 2.82 10.12 19.96
CA THR A 68 3.03 8.78 19.44
C THR A 68 2.84 8.74 17.93
N TYR A 69 1.96 9.60 17.39
CA TYR A 69 1.78 9.65 15.95
C TYR A 69 3.09 10.03 15.26
N TYR A 70 3.77 11.05 15.76
CA TYR A 70 5.03 11.46 15.15
C TYR A 70 6.08 10.36 15.26
N LEU A 71 6.19 9.74 16.43
CA LEU A 71 7.22 8.74 16.66
C LEU A 71 7.07 7.52 15.76
N SER A 72 5.84 7.20 15.36
CA SER A 72 5.58 5.96 14.62
C SER A 72 6.26 5.94 13.25
N VAL A 73 6.29 7.08 12.56
CA VAL A 73 6.72 7.11 11.17
C VAL A 73 7.95 7.98 10.95
N ASN A 74 8.64 8.39 12.02
CA ASN A 74 9.78 9.29 11.85
C ASN A 74 11.08 8.75 12.43
N ARG A 75 11.21 7.44 12.59
CA ARG A 75 12.48 6.89 13.03
C ARG A 75 13.50 6.97 11.89
N ASN A 76 14.78 6.83 12.25
CA ASN A 76 15.88 6.82 11.29
C ASN A 76 15.95 8.12 10.48
N LYS A 77 15.74 9.25 11.16
CA LYS A 77 15.80 10.55 10.52
C LYS A 77 16.55 11.53 11.42
N LYS A 78 17.05 12.60 10.79
CA LYS A 78 17.64 13.73 11.49
C LYS A 78 16.80 14.96 11.21
N SER A 79 16.59 15.79 12.22
CA SER A 79 15.71 16.94 12.11
C SER A 79 16.51 18.24 12.11
N ILE A 80 16.22 19.10 11.14
CA ILE A 80 16.74 20.46 11.08
C ILE A 80 15.57 21.42 10.93
N ALA A 81 15.51 22.43 11.78
CA ALA A 81 14.42 23.40 11.78
C ALA A 81 14.88 24.62 10.97
N VAL A 82 14.24 24.83 9.82
CA VAL A 82 14.58 25.95 8.93
C VAL A 82 13.30 26.66 8.53
N ASN A 83 13.36 27.99 8.49
CA ASN A 83 12.22 28.80 8.04
C ASN A 83 12.35 29.00 6.53
N ILE A 84 11.59 28.22 5.77
CA ILE A 84 11.67 28.34 4.31
C ILE A 84 11.07 29.65 3.83
N LYS A 85 10.12 30.21 4.57
CA LYS A 85 9.52 31.48 4.16
C LYS A 85 10.55 32.60 4.17
N ASP A 86 11.50 32.56 5.09
CA ASP A 86 12.57 33.55 5.10
C ASP A 86 13.51 33.31 3.91
N PRO A 87 14.00 34.38 3.27
CA PRO A 87 14.94 34.19 2.16
C PRO A 87 16.22 33.47 2.57
N LYS A 88 16.73 33.75 3.78
CA LYS A 88 17.93 33.06 4.26
C LYS A 88 17.68 31.57 4.43
N GLY A 89 16.45 31.19 4.81
CA GLY A 89 16.12 29.77 4.87
C GLY A 89 16.14 29.10 3.51
N VAL A 90 15.67 29.81 2.48
CA VAL A 90 15.67 29.26 1.12
C VAL A 90 17.09 28.95 0.68
N LYS A 91 18.04 29.82 1.02
CA LYS A 91 19.44 29.58 0.66
C LYS A 91 19.97 28.30 1.29
N ILE A 92 19.58 28.04 2.55
CA ILE A 92 20.05 26.85 3.23
C ILE A 92 19.54 25.59 2.54
N ILE A 93 18.27 25.59 2.14
CA ILE A 93 17.71 24.43 1.45
C ILE A 93 18.39 24.22 0.11
N LYS A 94 18.65 25.31 -0.62
CA LYS A 94 19.34 25.19 -1.90
C LYS A 94 20.75 24.61 -1.71
N GLU A 95 21.47 25.09 -0.70
CA GLU A 95 22.80 24.56 -0.43
C GLU A 95 22.75 23.08 -0.07
N LEU A 96 21.77 22.69 0.74
CA LEU A 96 21.61 21.29 1.06
C LEU A 96 21.28 20.47 -0.18
N ALA A 97 20.43 21.00 -1.05
CA ALA A 97 20.03 20.28 -2.26
C ALA A 97 21.21 19.97 -3.16
N ALA A 98 22.19 20.87 -3.23
CA ALA A 98 23.36 20.64 -4.07
C ALA A 98 24.13 19.38 -3.65
N VAL A 99 24.16 19.09 -2.34
CA VAL A 99 24.88 17.93 -1.84
C VAL A 99 23.97 16.75 -1.53
N CYS A 100 22.67 16.87 -1.76
CA CYS A 100 21.70 15.81 -1.46
C CYS A 100 21.27 15.12 -2.74
N ASP A 101 21.19 13.78 -2.68
CA ASP A 101 20.80 12.99 -3.86
C ASP A 101 19.30 13.08 -4.14
N VAL A 102 18.47 13.11 -3.09
CA VAL A 102 17.03 12.98 -3.23
C VAL A 102 16.34 14.17 -2.56
N PHE A 103 15.28 14.68 -3.18
CA PHE A 103 14.48 15.77 -2.65
C PHE A 103 13.03 15.32 -2.61
N VAL A 104 12.41 15.36 -1.43
CA VAL A 104 11.04 14.90 -1.24
C VAL A 104 10.24 16.00 -0.56
N GLU A 105 9.06 16.28 -1.11
CA GLU A 105 8.15 17.27 -0.55
C GLU A 105 6.72 16.80 -0.76
N ASN A 106 5.82 17.30 0.08
CA ASN A 106 4.39 16.94 -0.02
C ASN A 106 3.49 18.17 0.10
N TYR A 107 3.96 19.33 -0.32
CA TYR A 107 3.13 20.53 -0.30
C TYR A 107 2.18 20.56 -1.50
N VAL A 108 1.22 21.47 -1.43
CA VAL A 108 0.26 21.69 -2.52
C VAL A 108 1.02 22.13 -3.78
N PRO A 109 0.64 21.66 -4.96
CA PRO A 109 1.41 22.01 -6.17
C PRO A 109 1.54 23.50 -6.39
N GLY A 110 2.76 23.94 -6.67
CA GLY A 110 3.06 25.34 -6.91
C GLY A 110 3.44 26.14 -5.68
N LYS A 111 3.27 25.58 -4.47
CA LYS A 111 3.61 26.33 -3.27
C LYS A 111 5.11 26.54 -3.14
N LEU A 112 5.89 25.49 -3.31
CA LEU A 112 7.34 25.63 -3.23
C LEU A 112 7.89 26.48 -4.38
N SER A 113 7.27 26.41 -5.56
CA SER A 113 7.71 27.23 -6.68
C SER A 113 7.62 28.72 -6.35
N ALA A 114 6.57 29.12 -5.64
CA ALA A 114 6.44 30.51 -5.23
C ALA A 114 7.55 30.92 -4.27
N MET A 115 7.98 29.99 -3.40
CA MET A 115 9.03 30.27 -2.43
C MET A 115 10.44 30.07 -2.97
N GLY A 116 10.58 29.70 -4.25
CA GLY A 116 11.89 29.47 -4.83
C GLY A 116 12.45 28.09 -4.61
N LEU A 117 11.65 27.14 -4.11
CA LEU A 117 12.09 25.78 -3.88
C LEU A 117 11.48 24.79 -4.87
N GLY A 118 10.93 25.28 -5.98
CA GLY A 118 10.33 24.41 -6.97
C GLY A 118 11.37 23.58 -7.71
N TYR A 119 10.86 22.60 -8.46
CA TYR A 119 11.75 21.67 -9.16
C TYR A 119 12.68 22.40 -10.12
N GLU A 120 12.17 23.41 -10.83
CA GLU A 120 13.03 24.16 -11.76
C GLU A 120 14.19 24.82 -11.02
N ASP A 121 13.91 25.41 -9.86
CA ASP A 121 14.97 26.05 -9.08
C ASP A 121 15.99 25.03 -8.58
N ILE A 122 15.51 23.91 -8.04
CA ILE A 122 16.41 22.90 -7.50
C ILE A 122 17.21 22.23 -8.62
N ASP A 123 16.58 22.03 -9.78
CA ASP A 123 17.26 21.36 -10.89
C ASP A 123 18.47 22.15 -11.36
N GLU A 124 18.37 23.48 -11.37
CA GLU A 124 19.50 24.31 -11.80
C GLU A 124 20.71 24.09 -10.91
N ILE A 125 20.51 24.10 -9.59
CA ILE A 125 21.62 23.95 -8.65
C ILE A 125 21.99 22.48 -8.46
N ALA A 126 21.03 21.56 -8.55
CA ALA A 126 21.28 20.14 -8.34
C ALA A 126 20.64 19.35 -9.48
N PRO A 127 21.27 19.35 -10.66
CA PRO A 127 20.71 18.57 -11.78
C PRO A 127 20.63 17.09 -11.52
N HIS A 128 21.52 16.58 -10.66
CA HIS A 128 21.51 15.17 -10.28
C HIS A 128 20.31 14.80 -9.42
N ILE A 129 19.72 15.78 -8.72
CA ILE A 129 18.78 15.47 -7.65
C ILE A 129 17.53 14.76 -8.18
N ILE A 130 17.01 13.84 -7.38
CA ILE A 130 15.75 13.17 -7.67
C ILE A 130 14.66 13.86 -6.86
N TYR A 131 13.75 14.53 -7.55
CA TYR A 131 12.71 15.34 -6.93
C TYR A 131 11.41 14.55 -6.94
N CYS A 132 10.87 14.27 -5.75
CA CYS A 132 9.62 13.53 -5.60
C CYS A 132 8.59 14.42 -4.93
N SER A 133 7.44 14.58 -5.57
CA SER A 133 6.36 15.43 -5.07
C SER A 133 5.15 14.56 -4.80
N ILE A 134 4.65 14.59 -3.56
CA ILE A 134 3.47 13.84 -3.15
C ILE A 134 2.35 14.83 -2.92
N THR A 135 1.23 14.66 -3.63
CA THR A 135 0.12 15.59 -3.56
C THR A 135 -1.19 14.81 -3.41
N GLY A 136 -2.28 15.56 -3.23
CA GLY A 136 -3.58 14.92 -3.12
C GLY A 136 -4.06 14.32 -4.44
N TYR A 137 -3.97 15.09 -5.52
CA TYR A 137 -4.57 14.69 -6.79
C TYR A 137 -3.62 14.77 -7.97
N GLY A 138 -2.37 15.18 -7.77
CA GLY A 138 -1.40 15.30 -8.84
C GLY A 138 -0.94 16.72 -9.02
N GLN A 139 0.11 16.85 -9.84
CA GLN A 139 0.71 18.17 -10.05
C GLN A 139 -0.23 19.11 -10.79
N THR A 140 -0.98 18.58 -11.76
CA THR A 140 -1.87 19.40 -12.58
C THR A 140 -3.25 18.76 -12.66
N GLY A 141 -4.25 19.59 -12.97
CA GLY A 141 -5.60 19.11 -13.13
C GLY A 141 -6.62 20.10 -12.61
N PRO A 142 -7.91 19.84 -12.82
CA PRO A 142 -8.93 20.77 -12.32
C PRO A 142 -8.97 20.86 -10.80
N ILE A 143 -8.81 19.75 -10.09
CA ILE A 143 -8.86 19.76 -8.63
C ILE A 143 -7.47 19.58 -8.02
N SER A 144 -6.41 19.81 -8.80
CA SER A 144 -5.06 19.61 -8.30
C SER A 144 -4.73 20.55 -7.16
N GLN A 145 -5.32 21.75 -7.14
CA GLN A 145 -5.05 22.71 -6.08
C GLN A 145 -5.61 22.28 -4.72
N ARG A 146 -6.58 21.36 -4.68
CA ARG A 146 -7.08 20.87 -3.40
C ARG A 146 -5.99 20.11 -2.64
N ALA A 147 -5.97 20.29 -1.33
CA ALA A 147 -5.00 19.59 -0.49
C ALA A 147 -5.37 18.11 -0.35
N GLY A 148 -4.37 17.30 -0.01
CA GLY A 148 -4.58 15.87 0.08
C GLY A 148 -4.90 15.35 1.46
N TYR A 149 -6.05 14.70 1.59
CA TYR A 149 -6.50 14.10 2.84
C TYR A 149 -6.96 12.67 2.57
N ASP A 150 -6.58 11.76 3.47
CA ASP A 150 -6.86 10.34 3.26
C ASP A 150 -8.35 10.06 3.14
N ALA A 151 -9.15 10.57 4.09
CA ALA A 151 -10.58 10.30 4.06
C ALA A 151 -11.24 10.90 2.83
N VAL A 152 -10.82 12.10 2.44
CA VAL A 152 -11.37 12.70 1.23
C VAL A 152 -10.97 11.91 -0.01
N ALA A 153 -9.70 11.51 -0.09
CA ALA A 153 -9.22 10.79 -1.27
C ALA A 153 -9.90 9.43 -1.42
N SER A 154 -10.05 8.69 -0.32
CA SER A 154 -10.72 7.39 -0.41
C SER A 154 -12.17 7.54 -0.85
N ALA A 155 -12.83 8.64 -0.47
CA ALA A 155 -14.20 8.85 -0.93
C ALA A 155 -14.24 9.11 -2.42
N VAL A 156 -13.36 9.99 -2.92
CA VAL A 156 -13.37 10.37 -4.33
C VAL A 156 -12.90 9.21 -5.20
N SER A 157 -11.86 8.50 -4.76
CA SER A 157 -11.30 7.41 -5.55
C SER A 157 -12.23 6.21 -5.64
N GLY A 158 -13.27 6.14 -4.80
CA GLY A 158 -14.22 5.05 -4.83
C GLY A 158 -13.94 3.92 -3.86
N LEU A 159 -12.87 4.00 -3.07
CA LEU A 159 -12.61 2.96 -2.08
C LEU A 159 -13.67 2.96 -0.98
N MET A 160 -14.09 4.14 -0.54
CA MET A 160 -15.10 4.23 0.50
C MET A 160 -16.44 3.68 0.04
N HIS A 161 -16.78 3.85 -1.24
CA HIS A 161 -18.07 3.37 -1.75
C HIS A 161 -18.18 1.86 -1.65
N ILE A 162 -17.07 1.14 -1.87
CA ILE A 162 -17.09 -0.32 -1.85
C ILE A 162 -16.72 -0.92 -0.51
N THR A 163 -16.47 -0.09 0.51
CA THR A 163 -16.09 -0.58 1.83
C THR A 163 -17.19 -0.25 2.83
N GLY A 164 -17.73 -1.28 3.47
CA GLY A 164 -18.77 -1.11 4.45
C GLY A 164 -19.71 -2.29 4.48
N PRO A 165 -20.65 -2.29 5.43
CA PRO A 165 -21.59 -3.41 5.53
C PRO A 165 -22.55 -3.43 4.35
N GLU A 166 -22.96 -4.65 3.98
CA GLU A 166 -23.94 -4.79 2.91
C GLU A 166 -25.26 -4.14 3.32
N ASN A 167 -25.82 -3.34 2.42
CA ASN A 167 -27.02 -2.54 2.70
C ASN A 167 -26.81 -1.64 3.92
N GLY A 168 -25.63 -1.02 3.98
CA GLY A 168 -25.30 -0.15 5.08
C GLY A 168 -24.49 1.05 4.60
N ASP A 169 -24.28 1.98 5.52
CA ASP A 169 -23.53 3.18 5.18
C ASP A 169 -22.08 2.84 4.87
N PRO A 170 -21.42 3.61 4.00
CA PRO A 170 -20.01 3.37 3.72
C PRO A 170 -19.16 3.67 4.94
N VAL A 171 -18.03 2.97 5.03
CA VAL A 171 -17.06 3.19 6.10
C VAL A 171 -15.68 3.32 5.48
N ARG A 172 -14.74 3.82 6.26
CA ARG A 172 -13.37 3.98 5.81
C ARG A 172 -12.46 3.01 6.56
N PRO A 173 -11.32 2.65 5.97
CA PRO A 173 -10.36 1.80 6.69
C PRO A 173 -9.85 2.48 7.95
N GLY A 174 -9.55 1.66 8.96
CA GLY A 174 -9.11 2.19 10.25
C GLY A 174 -7.85 3.02 10.15
N VAL A 175 -6.87 2.54 9.38
CA VAL A 175 -5.66 3.29 9.12
C VAL A 175 -5.78 3.94 7.74
N ALA A 176 -4.96 4.96 7.51
CA ALA A 176 -4.97 5.70 6.25
C ALA A 176 -4.22 4.90 5.19
N MET A 177 -4.88 3.83 4.72
CA MET A 177 -4.26 2.94 3.74
C MET A 177 -4.00 3.66 2.42
N THR A 178 -4.83 4.63 2.04
CA THR A 178 -4.53 5.42 0.84
C THR A 178 -3.22 6.19 0.99
N ASP A 179 -3.01 6.83 2.14
CA ASP A 179 -1.76 7.56 2.38
C ASP A 179 -0.57 6.61 2.35
N LEU A 180 -0.68 5.48 3.06
CA LEU A 180 0.42 4.53 3.16
C LEU A 180 0.71 3.90 1.79
N ALA A 181 -0.33 3.63 1.01
CA ALA A 181 -0.12 3.10 -0.33
C ALA A 181 0.66 4.09 -1.18
N THR A 182 0.29 5.37 -1.11
CA THR A 182 1.03 6.39 -1.86
C THR A 182 2.47 6.47 -1.37
N GLY A 183 2.69 6.38 -0.05
CA GLY A 183 4.05 6.38 0.47
C GLY A 183 4.86 5.20 -0.02
N LEU A 184 4.23 4.01 -0.08
CA LEU A 184 4.91 2.84 -0.62
C LEU A 184 5.23 3.02 -2.09
N TYR A 185 4.31 3.65 -2.85
CA TYR A 185 4.61 3.95 -4.25
C TYR A 185 5.84 4.85 -4.37
N ALA A 186 5.89 5.92 -3.56
CA ALA A 186 7.00 6.85 -3.66
C ALA A 186 8.32 6.20 -3.26
N TYR A 187 8.30 5.40 -2.18
CA TYR A 187 9.52 4.74 -1.72
C TYR A 187 10.09 3.82 -2.78
N GLY A 188 9.24 3.12 -3.52
CA GLY A 188 9.72 2.36 -4.67
C GLY A 188 10.12 3.25 -5.82
N ALA A 189 9.33 4.30 -6.09
CA ALA A 189 9.59 5.19 -7.22
C ALA A 189 10.90 5.95 -7.05
N ILE A 190 11.20 6.39 -5.83
CA ILE A 190 12.45 7.12 -5.58
C ILE A 190 13.65 6.25 -5.90
N MET A 191 13.58 4.96 -5.55
CA MET A 191 14.66 4.05 -5.90
C MET A 191 14.76 3.84 -7.41
N ALA A 192 13.62 3.85 -8.11
CA ALA A 192 13.66 3.77 -9.57
C ALA A 192 14.39 4.98 -10.15
N GLY A 193 14.18 6.15 -9.57
CA GLY A 193 14.93 7.33 -10.01
C GLY A 193 16.41 7.22 -9.77
N LEU A 194 16.81 6.64 -8.62
CA LEU A 194 18.23 6.46 -8.34
C LEU A 194 18.88 5.51 -9.34
N ILE A 195 18.20 4.44 -9.71
CA ILE A 195 18.73 3.51 -10.69
C ILE A 195 18.88 4.18 -12.05
N GLN A 196 17.88 4.97 -12.45
CA GLN A 196 17.97 5.72 -13.70
C GLN A 196 19.09 6.76 -13.63
N LYS A 197 19.25 7.41 -12.48
CA LYS A 197 20.30 8.42 -12.33
C LYS A 197 21.69 7.80 -12.50
N TYR A 198 21.87 6.58 -12.01
CA TYR A 198 23.17 5.91 -12.16
C TYR A 198 23.52 5.74 -13.63
N LYS A 199 22.53 5.38 -14.46
CA LYS A 199 22.78 5.19 -15.88
C LYS A 199 23.01 6.53 -16.58
N THR A 200 22.10 7.48 -16.39
CA THR A 200 22.12 8.74 -17.12
C THR A 200 23.02 9.81 -16.51
N GLY A 201 23.14 9.85 -15.20
CA GLY A 201 23.88 10.90 -14.54
C GLY A 201 23.12 12.18 -14.27
N LYS A 202 21.81 12.18 -14.52
CA LYS A 202 20.97 13.34 -14.26
C LYS A 202 19.72 12.91 -13.51
N GLY A 203 19.16 13.83 -12.73
CA GLY A 203 17.97 13.55 -11.97
C GLY A 203 16.69 13.72 -12.77
N LEU A 204 15.58 13.34 -12.14
CA LEU A 204 14.27 13.44 -12.76
C LEU A 204 13.25 13.84 -11.70
N PHE A 205 12.04 14.16 -12.17
CA PHE A 205 10.93 14.55 -11.32
C PHE A 205 9.92 13.41 -11.23
N ILE A 206 9.39 13.19 -10.03
CA ILE A 206 8.43 12.12 -9.76
C ILE A 206 7.13 12.73 -9.25
N ASP A 207 6.01 12.24 -9.79
CA ASP A 207 4.68 12.67 -9.34
C ASP A 207 3.97 11.49 -8.69
N CYS A 208 3.65 11.64 -7.40
CA CYS A 208 2.89 10.67 -6.63
C CYS A 208 1.70 11.38 -6.01
N ASN A 209 0.52 10.78 -6.09
CA ASN A 209 -0.65 11.39 -5.48
C ASN A 209 -1.59 10.32 -4.93
N LEU A 210 -2.38 10.72 -3.94
CA LEU A 210 -3.29 9.78 -3.30
C LEU A 210 -4.33 9.25 -4.27
N LEU A 211 -4.87 10.12 -5.12
CA LEU A 211 -5.92 9.71 -6.06
C LEU A 211 -5.42 8.62 -7.00
N SER A 212 -4.25 8.85 -7.61
CA SER A 212 -3.71 7.88 -8.57
C SER A 212 -3.39 6.56 -7.89
N SER A 213 -2.85 6.60 -6.67
CA SER A 213 -2.51 5.37 -5.96
C SER A 213 -3.76 4.55 -5.66
N GLN A 214 -4.79 5.20 -5.11
CA GLN A 214 -5.98 4.46 -4.71
C GLN A 214 -6.74 3.94 -5.93
N VAL A 215 -6.83 4.74 -6.99
CA VAL A 215 -7.53 4.27 -8.20
C VAL A 215 -6.81 3.08 -8.80
N ALA A 216 -5.48 3.16 -8.91
CA ALA A 216 -4.72 2.02 -9.44
C ALA A 216 -4.93 0.78 -8.58
N CYS A 217 -5.06 0.96 -7.25
CA CYS A 217 -5.33 -0.17 -6.37
C CYS A 217 -6.71 -0.77 -6.59
N LEU A 218 -7.66 -0.03 -7.16
CA LEU A 218 -8.98 -0.59 -7.42
C LEU A 218 -8.87 -1.81 -8.33
N SER A 219 -7.95 -1.78 -9.29
CA SER A 219 -7.53 -2.94 -10.07
C SER A 219 -8.70 -3.73 -10.64
N HIS A 220 -8.90 -4.96 -10.18
CA HIS A 220 -9.92 -5.83 -10.77
C HIS A 220 -11.32 -5.27 -10.60
N ILE A 221 -11.59 -4.61 -9.46
CA ILE A 221 -12.91 -4.02 -9.24
C ILE A 221 -13.17 -2.91 -10.25
N ALA A 222 -12.19 -2.05 -10.47
CA ALA A 222 -12.32 -1.02 -11.51
C ALA A 222 -12.37 -1.64 -12.89
N ALA A 223 -11.61 -2.72 -13.12
CA ALA A 223 -11.64 -3.39 -14.41
C ALA A 223 -13.02 -3.97 -14.71
N ASN A 224 -13.76 -4.38 -13.68
CA ASN A 224 -15.11 -4.89 -13.89
C ASN A 224 -16.02 -3.84 -14.50
N TYR A 225 -15.92 -2.59 -14.03
CA TYR A 225 -16.71 -1.51 -14.61
C TYR A 225 -16.16 -1.08 -15.96
N LEU A 226 -14.84 -0.95 -16.07
CA LEU A 226 -14.24 -0.46 -17.31
C LEU A 226 -14.47 -1.42 -18.47
N ILE A 227 -14.37 -2.72 -18.22
CA ILE A 227 -14.53 -3.73 -19.26
C ILE A 227 -15.94 -4.32 -19.27
N GLY A 228 -16.42 -4.79 -18.13
CA GLY A 228 -17.70 -5.45 -18.10
C GLY A 228 -18.89 -4.56 -17.79
N GLN A 229 -18.65 -3.26 -17.54
CA GLN A 229 -19.71 -2.31 -17.19
C GLN A 229 -20.53 -2.81 -16.00
N LYS A 230 -19.82 -3.29 -14.98
CA LYS A 230 -20.45 -3.79 -13.76
C LYS A 230 -20.12 -2.84 -12.61
N GLU A 231 -21.14 -2.45 -11.85
CA GLU A 231 -20.98 -1.56 -10.72
C GLU A 231 -20.80 -2.37 -9.43
N ALA A 232 -19.81 -1.99 -8.63
CA ALA A 232 -19.50 -2.69 -7.40
C ALA A 232 -20.44 -2.30 -6.26
N LYS A 233 -20.49 -3.15 -5.24
CA LYS A 233 -21.32 -2.93 -4.06
C LYS A 233 -20.54 -3.36 -2.81
N ARG A 234 -21.02 -2.88 -1.66
CA ARG A 234 -20.44 -3.23 -0.37
C ARG A 234 -20.85 -4.65 0.04
N TRP A 235 -19.89 -5.40 0.56
CA TRP A 235 -20.15 -6.79 0.95
C TRP A 235 -19.86 -7.08 2.43
N GLY A 236 -19.62 -6.05 3.25
CA GLY A 236 -19.26 -6.30 4.64
C GLY A 236 -17.90 -6.97 4.77
N THR A 237 -17.85 -8.15 5.40
CA THR A 237 -16.66 -9.00 5.34
C THR A 237 -16.77 -10.12 4.32
N ALA A 238 -17.93 -10.29 3.69
CA ALA A 238 -18.15 -11.37 2.73
C ALA A 238 -17.59 -11.01 1.36
N HIS A 239 -17.54 -12.02 0.48
CA HIS A 239 -17.06 -11.85 -0.88
C HIS A 239 -18.18 -12.11 -1.87
N GLY A 240 -18.18 -11.35 -2.96
CA GLY A 240 -19.26 -11.45 -3.92
C GLY A 240 -19.36 -12.81 -4.59
N SER A 241 -18.22 -13.38 -4.99
CA SER A 241 -18.21 -14.58 -5.81
C SER A 241 -17.89 -15.86 -5.05
N ILE A 242 -17.50 -15.80 -3.78
CA ILE A 242 -17.11 -16.99 -3.03
C ILE A 242 -17.94 -17.06 -1.74
N VAL A 243 -18.65 -18.18 -1.56
CA VAL A 243 -19.45 -18.42 -0.36
C VAL A 243 -19.17 -19.84 0.13
N PRO A 244 -18.84 -20.04 1.42
CA PRO A 244 -18.72 -19.04 2.49
C PRO A 244 -17.29 -18.54 2.64
N TYR A 245 -17.11 -17.22 2.70
CA TYR A 245 -15.80 -16.58 2.92
C TYR A 245 -16.05 -15.23 3.61
N GLN A 246 -16.27 -15.28 4.92
CA GLN A 246 -16.58 -14.07 5.66
C GLN A 246 -16.21 -14.24 7.14
N ALA A 247 -16.31 -13.13 7.87
CA ALA A 247 -16.16 -13.16 9.32
C ALA A 247 -17.44 -13.68 9.97
N PHE A 248 -17.29 -14.56 10.95
CA PHE A 248 -18.40 -15.17 11.65
C PHE A 248 -18.31 -14.84 13.14
N LYS A 249 -19.41 -14.38 13.70
CA LYS A 249 -19.45 -14.08 15.13
C LYS A 249 -19.36 -15.37 15.94
N THR A 250 -18.60 -15.32 17.02
CA THR A 250 -18.43 -16.44 17.93
C THR A 250 -18.92 -16.03 19.31
N LYS A 251 -18.79 -16.95 20.26
CA LYS A 251 -19.27 -16.70 21.60
C LYS A 251 -18.58 -15.49 22.22
N ASP A 252 -17.28 -15.35 21.98
CA ASP A 252 -16.50 -14.25 22.54
C ASP A 252 -15.91 -13.31 21.50
N GLY A 253 -16.16 -13.53 20.22
CA GLY A 253 -15.55 -12.68 19.21
C GLY A 253 -15.93 -13.00 17.77
N TYR A 254 -15.00 -12.79 16.85
CA TYR A 254 -15.22 -13.05 15.43
C TYR A 254 -14.11 -13.93 14.87
N ILE A 255 -14.49 -14.84 13.97
CA ILE A 255 -13.52 -15.67 13.26
C ILE A 255 -13.83 -15.60 11.77
N VAL A 256 -12.78 -15.51 10.97
CA VAL A 256 -12.90 -15.49 9.52
C VAL A 256 -12.63 -16.90 9.01
N VAL A 257 -13.60 -17.48 8.32
CA VAL A 257 -13.47 -18.81 7.74
C VAL A 257 -13.92 -18.74 6.29
N GLY A 258 -13.19 -19.39 5.40
CA GLY A 258 -13.52 -19.38 3.99
C GLY A 258 -13.32 -20.76 3.39
N ALA A 259 -14.12 -21.05 2.37
CA ALA A 259 -14.01 -22.28 1.59
C ALA A 259 -14.09 -21.90 0.11
N GLY A 260 -13.04 -22.23 -0.64
CA GLY A 260 -12.94 -21.87 -2.04
C GLY A 260 -13.33 -22.95 -3.03
N ASN A 261 -13.64 -24.16 -2.55
CA ASN A 261 -14.03 -25.26 -3.42
C ASN A 261 -14.85 -26.25 -2.60
N ASN A 262 -15.39 -27.25 -3.30
CA ASN A 262 -16.24 -28.25 -2.64
C ASN A 262 -15.47 -29.06 -1.60
N GLN A 263 -14.19 -29.34 -1.86
CA GLN A 263 -13.38 -30.07 -0.90
C GLN A 263 -13.21 -29.27 0.39
N GLN A 264 -12.89 -27.98 0.26
CA GLN A 264 -12.77 -27.13 1.44
C GLN A 264 -14.12 -26.98 2.15
N PHE A 265 -15.21 -26.86 1.39
CA PHE A 265 -16.51 -26.72 2.01
C PHE A 265 -16.86 -27.96 2.85
N ALA A 266 -16.50 -29.15 2.36
CA ALA A 266 -16.70 -30.36 3.14
C ALA A 266 -15.87 -30.35 4.42
N THR A 267 -14.64 -29.84 4.33
CA THR A 267 -13.78 -29.74 5.52
C THR A 267 -14.39 -28.84 6.57
N VAL A 268 -14.92 -27.69 6.15
CA VAL A 268 -15.53 -26.76 7.10
C VAL A 268 -16.77 -27.40 7.73
N CYS A 269 -17.59 -28.06 6.92
CA CYS A 269 -18.82 -28.66 7.44
C CYS A 269 -18.52 -29.74 8.46
N LYS A 270 -17.49 -30.55 8.24
CA LYS A 270 -17.14 -31.58 9.21
C LYS A 270 -16.68 -30.97 10.53
N ILE A 271 -15.84 -29.93 10.47
CA ILE A 271 -15.37 -29.27 11.68
C ILE A 271 -16.53 -28.67 12.46
N LEU A 272 -17.52 -28.13 11.75
CA LEU A 272 -18.70 -27.55 12.40
C LEU A 272 -19.73 -28.59 12.77
N ASP A 273 -19.47 -29.87 12.47
CA ASP A 273 -20.40 -30.96 12.74
C ASP A 273 -21.74 -30.75 12.02
N LEU A 274 -21.65 -30.38 10.74
CA LEU A 274 -22.82 -30.24 9.88
C LEU A 274 -22.58 -31.01 8.60
N PRO A 275 -22.48 -32.34 8.67
CA PRO A 275 -22.18 -33.11 7.45
C PRO A 275 -23.31 -33.11 6.46
N GLU A 276 -24.58 -32.99 6.93
CA GLU A 276 -25.71 -33.04 6.01
C GLU A 276 -25.67 -31.92 4.98
N LEU A 277 -25.06 -30.78 5.31
CA LEU A 277 -24.97 -29.68 4.36
C LEU A 277 -24.15 -30.03 3.13
N ILE A 278 -23.15 -30.91 3.27
CA ILE A 278 -22.24 -31.19 2.16
C ILE A 278 -22.98 -31.76 0.97
N ASP A 279 -23.87 -32.73 1.22
CA ASP A 279 -24.59 -33.40 0.16
C ASP A 279 -25.92 -32.72 -0.17
N ASN A 280 -26.28 -31.66 0.55
CA ASN A 280 -27.51 -30.93 0.27
C ASN A 280 -27.44 -30.31 -1.13
N SER A 281 -28.55 -30.41 -1.86
CA SER A 281 -28.60 -29.91 -3.22
C SER A 281 -28.41 -28.40 -3.30
N LYS A 282 -28.88 -27.67 -2.28
CA LYS A 282 -28.76 -26.22 -2.25
C LYS A 282 -27.31 -25.74 -2.18
N TYR A 283 -26.42 -26.52 -1.54
CA TYR A 283 -25.05 -26.11 -1.30
C TYR A 283 -24.03 -27.04 -1.94
N LYS A 284 -24.43 -27.82 -2.95
CA LYS A 284 -23.53 -28.81 -3.55
C LYS A 284 -22.31 -28.18 -4.22
N THR A 285 -22.47 -26.99 -4.81
CA THR A 285 -21.39 -26.33 -5.53
C THR A 285 -21.23 -24.90 -5.04
N ASN A 286 -20.12 -24.27 -5.43
CA ASN A 286 -19.90 -22.88 -5.05
C ASN A 286 -20.97 -21.97 -5.64
N HIS A 287 -21.30 -22.17 -6.90
CA HIS A 287 -22.35 -21.37 -7.54
C HIS A 287 -23.68 -21.58 -6.83
N LEU A 288 -23.98 -22.83 -6.44
CA LEU A 288 -25.18 -23.09 -5.66
C LEU A 288 -25.11 -22.44 -4.30
N ARG A 289 -23.93 -22.46 -3.67
CA ARG A 289 -23.77 -21.81 -2.38
C ARG A 289 -23.95 -20.30 -2.49
N VAL A 290 -23.47 -19.71 -3.59
CA VAL A 290 -23.66 -18.28 -3.78
C VAL A 290 -25.14 -17.95 -3.95
N HIS A 291 -25.87 -18.80 -4.69
CA HIS A 291 -27.30 -18.55 -4.91
C HIS A 291 -28.09 -18.63 -3.61
N ASN A 292 -27.76 -19.59 -2.75
CA ASN A 292 -28.43 -19.75 -1.45
C ASN A 292 -27.59 -19.17 -0.32
N ARG A 293 -26.94 -18.04 -0.59
CA ARG A 293 -26.04 -17.43 0.38
C ARG A 293 -26.75 -17.10 1.70
N LYS A 294 -27.94 -16.51 1.61
CA LYS A 294 -28.64 -16.09 2.83
C LYS A 294 -28.96 -17.29 3.72
N GLU A 295 -29.43 -18.39 3.13
CA GLU A 295 -29.78 -19.57 3.91
C GLU A 295 -28.53 -20.25 4.48
N LEU A 296 -27.47 -20.37 3.68
CA LEU A 296 -26.27 -21.06 4.13
C LEU A 296 -25.58 -20.30 5.25
N ILE A 297 -25.46 -18.97 5.11
CA ILE A 297 -24.78 -18.17 6.13
C ILE A 297 -25.53 -18.22 7.45
N LYS A 298 -26.86 -18.24 7.39
CA LYS A 298 -27.63 -18.31 8.63
C LYS A 298 -27.35 -19.61 9.39
N ILE A 299 -27.31 -20.74 8.68
CA ILE A 299 -27.04 -22.01 9.34
C ILE A 299 -25.63 -22.03 9.93
N LEU A 300 -24.65 -21.60 9.13
CA LEU A 300 -23.26 -21.59 9.61
C LEU A 300 -23.09 -20.64 10.79
N SER A 301 -23.73 -19.47 10.73
CA SER A 301 -23.58 -18.48 11.79
C SER A 301 -24.13 -18.99 13.12
N GLU A 302 -25.23 -19.75 13.09
CA GLU A 302 -25.79 -20.29 14.32
C GLU A 302 -24.82 -21.24 15.00
N ARG A 303 -24.09 -22.03 14.21
CA ARG A 303 -23.12 -22.96 14.79
C ARG A 303 -21.93 -22.21 15.39
N PHE A 304 -21.44 -21.17 14.69
CA PHE A 304 -20.24 -20.46 15.15
C PHE A 304 -20.49 -19.74 16.47
N GLU A 305 -21.70 -19.22 16.68
CA GLU A 305 -22.01 -18.51 17.92
C GLU A 305 -21.95 -19.41 19.14
N GLU A 306 -22.20 -20.72 18.97
CA GLU A 306 -22.27 -21.63 20.11
C GLU A 306 -20.93 -21.84 20.81
N GLU A 307 -19.80 -21.66 20.11
CA GLU A 307 -18.50 -21.99 20.68
C GLU A 307 -17.60 -20.76 20.75
N LEU A 308 -16.60 -20.85 21.63
CA LEU A 308 -15.63 -19.77 21.79
C LEU A 308 -14.68 -19.73 20.60
N THR A 309 -14.09 -18.55 20.38
CA THR A 309 -13.15 -18.39 19.27
C THR A 309 -11.96 -19.32 19.42
N SER A 310 -11.44 -19.47 20.65
CA SER A 310 -10.29 -20.32 20.89
C SER A 310 -10.60 -21.77 20.55
N LYS A 311 -11.82 -22.22 20.84
CA LYS A 311 -12.17 -23.59 20.48
C LYS A 311 -12.14 -23.81 18.98
N TRP A 312 -12.64 -22.82 18.22
CA TRP A 312 -12.62 -22.95 16.77
C TRP A 312 -11.19 -22.99 16.24
N LEU A 313 -10.32 -22.14 16.79
CA LEU A 313 -8.92 -22.16 16.36
C LEU A 313 -8.29 -23.52 16.61
N TYR A 314 -8.67 -24.17 17.72
CA TYR A 314 -8.19 -25.51 17.99
C TYR A 314 -8.72 -26.52 16.99
N LEU A 315 -10.02 -26.43 16.67
CA LEU A 315 -10.63 -27.38 15.74
C LEU A 315 -10.13 -27.18 14.31
N PHE A 316 -9.90 -25.93 13.90
CA PHE A 316 -9.45 -25.64 12.55
C PHE A 316 -7.95 -25.82 12.34
N GLU A 317 -7.20 -26.18 13.38
CA GLU A 317 -5.76 -26.35 13.24
C GLU A 317 -5.45 -27.45 12.24
N GLY A 318 -4.61 -27.12 11.24
CA GLY A 318 -4.25 -28.10 10.23
C GLY A 318 -5.33 -28.42 9.22
N SER A 319 -6.44 -27.67 9.23
CA SER A 319 -7.52 -27.93 8.29
C SER A 319 -7.10 -27.64 6.86
N GLY A 320 -6.23 -26.66 6.66
CA GLY A 320 -5.83 -26.30 5.32
C GLY A 320 -6.79 -25.38 4.60
N VAL A 321 -7.77 -24.83 5.29
CA VAL A 321 -8.73 -23.92 4.68
C VAL A 321 -8.46 -22.52 5.23
N PRO A 322 -8.87 -21.46 4.54
CA PRO A 322 -8.69 -20.11 5.08
C PRO A 322 -9.42 -19.98 6.40
N TYR A 323 -8.70 -19.57 7.43
CA TYR A 323 -9.29 -19.38 8.76
C TYR A 323 -8.37 -18.51 9.59
N GLY A 324 -8.95 -17.55 10.29
CA GLY A 324 -8.21 -16.67 11.18
C GLY A 324 -9.14 -15.92 12.11
N PRO A 325 -8.61 -15.44 13.24
CA PRO A 325 -9.44 -14.66 14.17
C PRO A 325 -9.26 -13.16 13.98
N ILE A 326 -10.32 -12.39 14.18
CA ILE A 326 -10.18 -10.94 14.23
C ILE A 326 -9.50 -10.54 15.53
N ASN A 327 -8.38 -9.84 15.44
CA ASN A 327 -7.54 -9.52 16.58
C ASN A 327 -7.59 -8.04 16.89
N ASN A 328 -7.71 -7.71 18.16
CA ASN A 328 -7.52 -6.33 18.58
C ASN A 328 -6.03 -6.06 18.76
N MET A 329 -5.69 -4.83 19.11
CA MET A 329 -4.29 -4.45 19.23
C MET A 329 -3.56 -5.33 20.25
N LYS A 330 -4.22 -5.65 21.36
CA LYS A 330 -3.59 -6.51 22.35
C LYS A 330 -3.34 -7.91 21.80
N ASN A 331 -4.31 -8.46 21.05
CA ASN A 331 -4.15 -9.80 20.50
C ASN A 331 -3.13 -9.85 19.38
N VAL A 332 -3.02 -8.77 18.59
CA VAL A 332 -2.09 -8.77 17.47
C VAL A 332 -0.66 -8.97 17.97
N PHE A 333 -0.23 -8.13 18.91
CA PHE A 333 1.11 -8.21 19.46
C PHE A 333 1.25 -9.31 20.50
N ALA A 334 0.14 -9.90 20.95
CA ALA A 334 0.22 -11.16 21.69
C ALA A 334 0.64 -12.31 20.79
N GLU A 335 0.33 -12.24 19.49
CA GLU A 335 0.65 -13.33 18.57
C GLU A 335 2.15 -13.57 18.50
N PRO A 336 2.62 -14.80 18.69
CA PRO A 336 4.06 -15.06 18.57
C PRO A 336 4.61 -14.79 17.18
N GLN A 337 3.83 -15.06 16.13
CA GLN A 337 4.31 -14.81 14.77
C GLN A 337 4.66 -13.34 14.56
N VAL A 338 3.84 -12.43 15.12
CA VAL A 338 4.12 -11.00 15.00
C VAL A 338 5.46 -10.67 15.66
N LEU A 339 5.71 -11.23 16.84
CA LEU A 339 6.99 -10.99 17.50
C LEU A 339 8.14 -11.61 16.72
N HIS A 340 7.93 -12.83 16.21
CA HIS A 340 8.98 -13.55 15.48
C HIS A 340 9.41 -12.77 14.24
N ASN A 341 8.48 -12.09 13.58
CA ASN A 341 8.79 -11.30 12.40
C ASN A 341 9.53 -10.01 12.72
N GLY A 342 9.75 -9.70 14.00
CA GLY A 342 10.44 -8.48 14.37
C GLY A 342 9.57 -7.25 14.33
N LEU A 343 8.25 -7.44 14.27
CA LEU A 343 7.32 -6.33 14.06
C LEU A 343 7.31 -5.34 15.24
N VAL A 344 7.67 -5.80 16.43
CA VAL A 344 7.82 -4.91 17.58
C VAL A 344 9.26 -4.42 17.62
N MET A 345 9.46 -3.15 17.26
CA MET A 345 10.79 -2.55 17.20
C MET A 345 10.97 -1.55 18.32
N GLU A 346 12.05 -1.71 19.09
CA GLU A 346 12.32 -0.87 20.24
C GLU A 346 13.56 -0.03 20.00
N MET A 347 13.48 1.26 20.31
CA MET A 347 14.62 2.15 20.20
C MET A 347 14.68 3.00 21.47
N GLU A 348 15.88 3.52 21.75
CA GLU A 348 16.14 4.30 22.95
C GLU A 348 16.08 5.78 22.59
N HIS A 349 14.96 6.43 22.95
CA HIS A 349 14.82 7.86 22.71
C HIS A 349 15.57 8.63 23.80
N PRO A 350 16.34 9.66 23.42
CA PRO A 350 17.20 10.34 24.42
C PRO A 350 16.44 10.95 25.59
N THR A 351 15.29 11.59 25.34
CA THR A 351 14.53 12.23 26.40
C THR A 351 13.23 11.51 26.74
N VAL A 352 12.75 10.63 25.87
CA VAL A 352 11.49 9.93 26.08
C VAL A 352 11.71 8.53 26.67
N GLY A 353 12.91 7.99 26.57
CA GLY A 353 13.19 6.65 27.05
C GLY A 353 12.94 5.59 25.99
N LYS A 354 12.87 4.35 26.47
CA LYS A 354 12.66 3.22 25.56
C LYS A 354 11.24 3.23 25.03
N ILE A 355 11.10 3.07 23.70
CA ILE A 355 9.80 3.11 23.03
C ILE A 355 9.74 2.02 21.97
N SER A 356 8.51 1.59 21.66
CA SER A 356 8.26 0.53 20.70
C SER A 356 7.27 1.00 19.64
N VAL A 357 7.61 0.75 18.38
CA VAL A 357 6.76 1.06 17.22
C VAL A 357 6.80 -0.12 16.26
N PRO A 358 5.84 -0.17 15.33
CA PRO A 358 5.84 -1.25 14.32
C PRO A 358 7.13 -1.26 13.50
N GLY A 359 7.69 -2.47 13.37
CA GLY A 359 8.96 -2.65 12.69
C GLY A 359 8.81 -2.74 11.19
N PRO A 360 9.95 -2.89 10.52
CA PRO A 360 9.94 -3.01 9.05
C PRO A 360 9.21 -4.27 8.59
N ALA A 361 8.43 -4.13 7.51
CA ALA A 361 7.69 -5.26 6.96
C ALA A 361 8.61 -6.24 6.26
N VAL A 362 9.67 -5.75 5.62
CA VAL A 362 10.53 -6.56 4.78
C VAL A 362 11.81 -6.92 5.53
N ARG A 363 12.23 -8.18 5.39
CA ARG A 363 13.48 -8.68 5.97
C ARG A 363 14.38 -9.20 4.85
N TYR A 364 15.64 -8.80 4.87
CA TYR A 364 16.62 -9.18 3.85
C TYR A 364 17.66 -10.13 4.44
N SER A 365 18.19 -11.02 3.59
CA SER A 365 19.17 -11.99 4.06
C SER A 365 20.54 -11.35 4.31
N LYS A 366 20.95 -10.40 3.45
CA LYS A 366 22.31 -9.87 3.53
C LYS A 366 22.50 -8.89 4.69
N PHE A 367 21.48 -8.10 5.04
CA PHE A 367 21.64 -7.04 6.01
C PHE A 367 20.45 -7.02 6.97
N LYS A 368 20.65 -6.39 8.12
CA LYS A 368 19.65 -6.29 9.17
C LYS A 368 19.22 -4.84 9.35
N MET A 369 17.91 -4.62 9.53
CA MET A 369 17.37 -3.30 9.83
C MET A 369 16.79 -3.22 11.24
N SER A 370 17.14 -4.17 12.11
CA SER A 370 16.54 -4.25 13.44
C SER A 370 16.93 -3.07 14.33
N GLU A 371 18.17 -2.61 14.26
CA GLU A 371 18.59 -1.46 15.06
C GLU A 371 18.37 -0.17 14.28
N ALA A 372 17.59 0.74 14.85
CA ALA A 372 17.19 1.95 14.16
C ALA A 372 17.44 3.17 15.03
N ARG A 373 17.80 4.27 14.38
CA ARG A 373 17.94 5.54 15.08
C ARG A 373 16.58 6.02 15.54
N PRO A 374 16.47 6.56 16.75
CA PRO A 374 15.16 7.02 17.25
C PRO A 374 14.71 8.27 16.53
N PRO A 375 13.40 8.53 16.51
CA PRO A 375 12.90 9.74 15.84
C PRO A 375 13.51 10.98 16.44
N PRO A 376 13.92 11.93 15.60
CA PRO A 376 14.62 13.11 16.11
C PRO A 376 13.68 14.12 16.75
N LEU A 377 14.22 14.84 17.73
CA LEU A 377 13.52 15.97 18.31
C LEU A 377 13.56 17.16 17.35
N LEU A 378 12.63 18.09 17.54
CA LEU A 378 12.51 19.23 16.64
C LEU A 378 13.78 20.08 16.68
N GLY A 379 14.44 20.21 15.53
CA GLY A 379 15.66 20.97 15.46
C GLY A 379 16.82 20.35 16.20
N GLN A 380 16.80 19.03 16.40
CA GLN A 380 17.85 18.36 17.17
C GLN A 380 19.19 18.46 16.47
N HIS A 381 19.22 18.27 15.15
CA HIS A 381 20.45 18.23 14.39
C HIS A 381 20.69 19.48 13.55
N THR A 382 20.05 20.60 13.91
CA THR A 382 20.19 21.83 13.14
C THR A 382 21.64 22.29 13.09
N THR A 383 22.26 22.44 14.25
CA THR A 383 23.65 22.90 14.30
C THR A 383 24.60 21.87 13.70
N HIS A 384 24.34 20.59 13.93
CA HIS A 384 25.21 19.53 13.42
C HIS A 384 25.18 19.50 11.89
N ILE A 385 23.99 19.57 11.29
CA ILE A 385 23.87 19.51 9.84
C ILE A 385 24.52 20.72 9.20
N LEU A 386 24.29 21.90 9.75
CA LEU A 386 24.90 23.11 9.21
C LEU A 386 26.42 23.06 9.32
N LYS A 387 26.92 22.61 10.48
CA LYS A 387 28.36 22.61 10.71
C LYS A 387 29.07 21.55 9.88
N GLU A 388 28.47 20.37 9.73
CA GLU A 388 29.13 19.26 9.04
C GLU A 388 28.81 19.21 7.55
N VAL A 389 27.53 19.19 7.19
CA VAL A 389 27.16 19.04 5.78
C VAL A 389 27.55 20.29 4.99
N LEU A 390 27.25 21.47 5.52
CA LEU A 390 27.49 22.72 4.82
C LEU A 390 28.77 23.43 5.28
N ARG A 391 29.50 22.87 6.24
CA ARG A 391 30.77 23.44 6.73
C ARG A 391 30.60 24.86 7.23
N TYR A 392 29.51 25.11 7.94
CA TYR A 392 29.29 26.42 8.56
C TYR A 392 30.09 26.52 9.86
N ASP A 393 30.74 27.66 10.04
CA ASP A 393 31.46 27.91 11.29
C ASP A 393 30.49 28.33 12.38
N ASP A 394 30.98 28.31 13.63
CA ASP A 394 30.14 28.66 14.78
C ASP A 394 29.60 30.08 14.68
N ARG A 395 30.38 31.00 14.09
CA ARG A 395 29.94 32.39 14.01
C ARG A 395 28.69 32.51 13.15
N ALA A 396 28.68 31.90 11.96
CA ALA A 396 27.53 32.01 11.07
C ALA A 396 26.29 31.34 11.65
N ILE A 397 26.47 30.21 12.32
CA ILE A 397 25.33 29.49 12.91
C ILE A 397 24.63 30.34 13.96
N GLY A 398 25.40 31.05 14.78
CA GLY A 398 24.79 31.91 15.80
C GLY A 398 23.96 33.03 15.21
N GLU A 399 24.41 33.60 14.09
CA GLU A 399 23.67 34.68 13.44
C GLU A 399 22.31 34.19 12.92
N LEU A 400 22.27 32.99 12.36
CA LEU A 400 20.99 32.42 11.95
C LEU A 400 20.11 32.13 13.15
N LEU A 401 20.70 31.63 14.24
CA LEU A 401 19.93 31.31 15.43
C LEU A 401 19.32 32.55 16.08
N SER A 402 20.08 33.65 16.15
CA SER A 402 19.55 34.87 16.77
C SER A 402 18.37 35.42 15.98
N ALA A 403 18.46 35.41 14.64
CA ALA A 403 17.39 35.94 13.81
C ALA A 403 16.14 35.08 13.87
N GLY A 404 16.30 33.78 14.17
CA GLY A 404 15.18 32.87 14.15
C GLY A 404 14.99 32.13 12.84
N VAL A 405 15.92 32.27 11.88
CA VAL A 405 15.80 31.55 10.62
C VAL A 405 15.89 30.05 10.87
N VAL A 406 16.76 29.63 11.80
CA VAL A 406 16.94 28.23 12.15
C VAL A 406 16.72 28.07 13.65
N ASP A 407 16.33 26.87 14.06
CA ASP A 407 16.03 26.55 15.45
C ASP A 407 16.79 25.29 15.83
N GLN A 408 17.45 25.34 16.99
CA GLN A 408 18.22 24.21 17.50
C GLN A 408 17.63 23.76 18.83
N HIS A 409 17.40 22.45 18.96
CA HIS A 409 16.85 21.92 20.19
C HIS A 409 17.92 21.91 21.29
N GLU A 410 17.45 21.88 22.54
CA GLU A 410 18.37 21.77 23.66
C GLU A 410 19.17 20.47 23.59
N THR A 411 18.51 19.37 23.25
CA THR A 411 19.21 18.11 23.06
C THR A 411 19.77 18.05 21.65
N HIS A 412 21.05 17.70 21.54
CA HIS A 412 21.72 17.62 20.25
C HIS A 412 21.87 16.18 19.75
N ASP B 8 21.10 9.26 -26.50
CA ASP B 8 20.32 8.03 -26.64
C ASP B 8 19.74 7.62 -25.29
N MET B 9 20.31 8.18 -24.22
CA MET B 9 19.84 7.92 -22.87
C MET B 9 18.84 8.97 -22.37
N ASN B 10 18.38 9.86 -23.26
CA ASN B 10 17.47 10.92 -22.85
C ASN B 10 16.15 10.35 -22.33
N ASN B 11 15.60 9.36 -23.03
CA ASN B 11 14.25 8.88 -22.80
C ASN B 11 14.29 7.35 -22.68
N ILE B 12 14.80 6.86 -21.55
CA ILE B 12 14.96 5.43 -21.32
C ILE B 12 14.40 5.08 -19.93
N LYS B 13 13.77 3.91 -19.82
CA LYS B 13 13.15 3.47 -18.59
C LYS B 13 14.18 2.89 -17.63
N PRO B 14 13.96 3.04 -16.31
CA PRO B 14 14.99 2.66 -15.32
C PRO B 14 15.30 1.17 -15.31
N LEU B 15 14.26 0.33 -15.26
CA LEU B 15 14.44 -1.12 -15.22
C LEU B 15 14.60 -1.74 -16.61
N GLU B 16 14.89 -0.94 -17.63
CA GLU B 16 15.12 -1.48 -18.96
C GLU B 16 16.37 -2.35 -18.96
N GLY B 17 16.24 -3.55 -19.52
CA GLY B 17 17.32 -4.51 -19.52
C GLY B 17 17.35 -5.45 -18.32
N VAL B 18 16.36 -5.37 -17.44
CA VAL B 18 16.29 -6.23 -16.25
C VAL B 18 15.26 -7.32 -16.52
N LYS B 19 15.70 -8.57 -16.42
CA LYS B 19 14.83 -9.73 -16.65
C LYS B 19 14.31 -10.23 -15.31
N ILE B 20 12.99 -10.41 -15.22
CA ILE B 20 12.35 -10.87 -14.00
C ILE B 20 11.62 -12.18 -14.28
N LEU B 21 11.94 -13.21 -13.50
CA LEU B 21 11.26 -14.49 -13.58
C LEU B 21 10.13 -14.51 -12.55
N ASP B 22 8.88 -14.49 -13.04
CA ASP B 22 7.69 -14.32 -12.23
C ASP B 22 6.91 -15.63 -12.19
N LEU B 23 6.80 -16.21 -10.99
CA LEU B 23 6.00 -17.42 -10.80
C LEU B 23 4.80 -17.17 -9.91
N THR B 24 4.45 -15.90 -9.66
CA THR B 24 3.41 -15.52 -8.74
C THR B 24 2.01 -15.75 -9.31
N ARG B 25 1.03 -15.75 -8.42
CA ARG B 25 -0.36 -15.99 -8.76
C ARG B 25 -1.25 -15.05 -7.94
N VAL B 26 -2.53 -15.04 -8.27
CA VAL B 26 -3.55 -14.22 -7.62
C VAL B 26 -3.21 -12.74 -7.76
N LEU B 27 -3.07 -12.02 -6.64
CA LEU B 27 -2.99 -10.56 -6.67
C LEU B 27 -1.69 -10.00 -6.11
N ALA B 28 -1.25 -10.45 -4.92
CA ALA B 28 -0.11 -9.84 -4.26
C ALA B 28 1.13 -9.85 -5.14
N GLY B 29 1.50 -11.01 -5.67
CA GLY B 29 2.64 -11.14 -6.54
C GLY B 29 2.50 -10.45 -7.89
N PRO B 30 1.42 -10.74 -8.61
CA PRO B 30 1.26 -10.11 -9.94
C PRO B 30 1.22 -8.59 -9.90
N PHE B 31 0.65 -7.99 -8.86
CA PHE B 31 0.63 -6.53 -8.77
C PHE B 31 2.06 -5.98 -8.64
N ALA B 32 2.93 -6.68 -7.91
CA ALA B 32 4.31 -6.23 -7.79
C ALA B 32 5.05 -6.33 -9.11
N THR B 33 4.93 -7.47 -9.80
CA THR B 33 5.63 -7.63 -11.08
C THR B 33 5.05 -6.74 -12.17
N MET B 34 3.75 -6.45 -12.11
CA MET B 34 3.16 -5.53 -13.08
C MET B 34 3.79 -4.13 -12.97
N ASN B 35 3.92 -3.61 -11.75
CA ASN B 35 4.53 -2.30 -11.56
C ASN B 35 5.99 -2.30 -11.97
N LEU B 36 6.69 -3.41 -11.77
CA LEU B 36 8.05 -3.54 -12.27
C LEU B 36 8.05 -3.59 -13.81
N GLY B 37 7.04 -4.25 -14.39
CA GLY B 37 6.94 -4.27 -15.84
C GLY B 37 6.71 -2.89 -16.44
N ASP B 38 5.92 -2.06 -15.77
CA ASP B 38 5.72 -0.69 -16.23
C ASP B 38 7.03 0.09 -16.24
N LEU B 39 7.90 -0.17 -15.28
CA LEU B 39 9.19 0.52 -15.20
C LEU B 39 10.16 0.10 -16.27
N GLY B 40 9.82 -0.87 -17.12
CA GLY B 40 10.65 -1.27 -18.23
C GLY B 40 11.31 -2.63 -18.11
N ALA B 41 11.10 -3.33 -17.00
CA ALA B 41 11.68 -4.66 -16.86
C ALA B 41 10.95 -5.66 -17.76
N GLU B 42 11.67 -6.68 -18.18
CA GLU B 42 11.10 -7.80 -18.94
C GLU B 42 10.67 -8.87 -17.95
N VAL B 43 9.36 -9.08 -17.85
CA VAL B 43 8.78 -9.99 -16.85
C VAL B 43 8.34 -11.25 -17.58
N ILE B 44 8.87 -12.40 -17.14
CA ILE B 44 8.50 -13.71 -17.65
C ILE B 44 7.59 -14.36 -16.64
N LYS B 45 6.34 -14.61 -17.02
CA LYS B 45 5.34 -15.20 -16.14
C LYS B 45 5.25 -16.68 -16.44
N VAL B 46 5.47 -17.51 -15.42
CA VAL B 46 5.43 -18.96 -15.55
C VAL B 46 4.09 -19.44 -15.02
N GLU B 47 3.34 -20.17 -15.84
CA GLU B 47 2.01 -20.62 -15.46
C GLU B 47 1.86 -22.12 -15.70
N ARG B 48 0.90 -22.71 -15.00
CA ARG B 48 0.60 -24.12 -15.17
C ARG B 48 -0.07 -24.34 -16.53
N PRO B 49 0.32 -25.38 -17.26
CA PRO B 49 -0.35 -25.68 -18.53
C PRO B 49 -1.82 -26.03 -18.31
N GLY B 50 -2.67 -25.48 -19.16
CA GLY B 50 -4.11 -25.73 -19.09
C GLY B 50 -4.92 -24.81 -18.20
N ALA B 51 -4.49 -24.62 -16.95
CA ALA B 51 -5.21 -23.79 -15.99
C ALA B 51 -4.62 -22.40 -15.88
N GLY B 52 -3.30 -22.29 -15.76
CA GLY B 52 -2.68 -20.99 -15.65
C GLY B 52 -2.91 -20.36 -14.28
N ASP B 53 -2.75 -19.04 -14.25
CA ASP B 53 -2.96 -18.28 -13.03
C ASP B 53 -4.39 -18.47 -12.53
N ASP B 54 -4.54 -18.50 -11.20
CA ASP B 54 -5.86 -18.73 -10.61
C ASP B 54 -6.87 -17.68 -11.08
N THR B 55 -6.41 -16.45 -11.29
CA THR B 55 -7.31 -15.36 -11.69
C THR B 55 -7.94 -15.60 -13.06
N ARG B 56 -7.33 -16.42 -13.90
CA ARG B 56 -7.89 -16.68 -15.23
C ARG B 56 -9.27 -17.28 -15.14
N THR B 57 -9.51 -18.14 -14.16
CA THR B 57 -10.80 -18.78 -13.97
C THR B 57 -11.74 -17.97 -13.08
N TRP B 58 -11.30 -16.84 -12.56
CA TRP B 58 -12.11 -16.03 -11.62
C TRP B 58 -13.06 -15.13 -12.42
N GLY B 59 -14.11 -15.74 -12.95
CA GLY B 59 -15.13 -15.02 -13.68
C GLY B 59 -16.51 -15.57 -13.37
N PRO B 60 -17.56 -14.82 -13.72
CA PRO B 60 -17.61 -13.55 -14.46
C PRO B 60 -17.13 -12.36 -13.61
N PRO B 61 -16.80 -11.21 -14.23
CA PRO B 61 -16.94 -10.84 -15.65
C PRO B 61 -15.88 -11.48 -16.55
N PHE B 62 -16.33 -11.99 -17.70
CA PHE B 62 -15.45 -12.61 -18.70
C PHE B 62 -15.56 -11.82 -19.98
N VAL B 63 -14.41 -11.43 -20.53
CA VAL B 63 -14.36 -10.83 -21.86
C VAL B 63 -13.58 -11.78 -22.78
N GLY B 64 -14.27 -12.31 -23.78
CA GLY B 64 -13.67 -13.38 -24.57
C GLY B 64 -13.42 -14.58 -23.67
N THR B 65 -12.19 -15.08 -23.68
CA THR B 65 -11.79 -16.16 -22.80
C THR B 65 -10.99 -15.66 -21.61
N GLU B 66 -10.81 -14.36 -21.47
CA GLU B 66 -9.96 -13.77 -20.45
C GLU B 66 -10.83 -13.09 -19.40
N SER B 67 -10.57 -13.42 -18.13
CA SER B 67 -11.29 -12.78 -17.03
C SER B 67 -10.78 -11.35 -16.83
N THR B 68 -11.70 -10.47 -16.41
CA THR B 68 -11.31 -9.09 -16.13
C THR B 68 -10.36 -9.01 -14.95
N TYR B 69 -10.49 -9.93 -13.99
CA TYR B 69 -9.56 -9.95 -12.87
C TYR B 69 -8.13 -10.16 -13.34
N TYR B 70 -7.93 -11.15 -14.23
CA TYR B 70 -6.58 -11.45 -14.70
C TYR B 70 -6.01 -10.27 -15.49
N LEU B 71 -6.80 -9.67 -16.38
CA LEU B 71 -6.30 -8.60 -17.24
C LEU B 71 -5.85 -7.38 -16.45
N SER B 72 -6.46 -7.13 -15.29
CA SER B 72 -6.20 -5.89 -14.57
C SER B 72 -4.75 -5.81 -14.08
N VAL B 73 -4.18 -6.91 -13.61
CA VAL B 73 -2.89 -6.89 -12.92
C VAL B 73 -1.82 -7.68 -13.65
N ASN B 74 -2.04 -8.07 -14.90
CA ASN B 74 -1.07 -8.89 -15.63
C ASN B 74 -0.60 -8.27 -16.94
N ARG B 75 -0.74 -6.95 -17.09
CA ARG B 75 -0.22 -6.28 -18.29
C ARG B 75 1.31 -6.20 -18.23
N ASN B 76 1.89 -5.93 -19.40
CA ASN B 76 3.34 -5.78 -19.53
C ASN B 76 4.09 -7.03 -19.10
N LYS B 77 3.54 -8.20 -19.46
CA LYS B 77 4.16 -9.46 -19.11
C LYS B 77 4.11 -10.39 -20.31
N LYS B 78 4.99 -11.38 -20.29
CA LYS B 78 5.02 -12.45 -21.27
C LYS B 78 4.74 -13.76 -20.54
N SER B 79 3.96 -14.63 -21.15
CA SER B 79 3.51 -15.86 -20.52
C SER B 79 4.22 -17.07 -21.12
N ILE B 80 4.77 -17.92 -20.27
CA ILE B 80 5.29 -19.22 -20.66
C ILE B 80 4.66 -20.26 -19.75
N ALA B 81 4.11 -21.31 -20.35
CA ALA B 81 3.45 -22.39 -19.62
C ALA B 81 4.44 -23.53 -19.44
N VAL B 82 4.83 -23.77 -18.19
CA VAL B 82 5.78 -24.82 -17.84
C VAL B 82 5.20 -25.63 -16.70
N ASN B 83 5.37 -26.94 -16.75
CA ASN B 83 4.93 -27.82 -15.67
C ASN B 83 6.10 -27.96 -14.69
N ILE B 84 6.03 -27.24 -13.57
CA ILE B 84 7.13 -27.24 -12.61
C ILE B 84 7.23 -28.57 -11.90
N LYS B 85 6.11 -29.30 -11.74
CA LYS B 85 6.17 -30.58 -11.07
C LYS B 85 6.95 -31.62 -11.86
N ASP B 86 6.90 -31.55 -13.19
CA ASP B 86 7.69 -32.46 -14.01
C ASP B 86 9.18 -32.12 -13.91
N PRO B 87 10.06 -33.12 -13.87
CA PRO B 87 11.50 -32.81 -13.79
C PRO B 87 12.02 -32.00 -14.97
N LYS B 88 11.51 -32.25 -16.18
CA LYS B 88 11.94 -31.47 -17.33
C LYS B 88 11.55 -30.00 -17.19
N GLY B 89 10.41 -29.72 -16.56
CA GLY B 89 10.02 -28.35 -16.31
C GLY B 89 10.94 -27.63 -15.34
N VAL B 90 11.43 -28.35 -14.32
CA VAL B 90 12.35 -27.75 -13.36
C VAL B 90 13.62 -27.27 -14.05
N LYS B 91 14.11 -28.05 -15.02
CA LYS B 91 15.31 -27.67 -15.76
C LYS B 91 15.10 -26.37 -16.53
N ILE B 92 13.92 -26.18 -17.11
CA ILE B 92 13.64 -24.95 -17.85
C ILE B 92 13.66 -23.75 -16.92
N ILE B 93 13.06 -23.89 -15.73
CA ILE B 93 13.04 -22.78 -14.77
C ILE B 93 14.44 -22.44 -14.31
N LYS B 94 15.28 -23.45 -14.07
CA LYS B 94 16.65 -23.19 -13.66
C LYS B 94 17.43 -22.47 -14.75
N GLU B 95 17.26 -22.89 -16.01
CA GLU B 95 17.94 -22.24 -17.13
C GLU B 95 17.51 -20.79 -17.27
N LEU B 96 16.21 -20.51 -17.08
CA LEU B 96 15.77 -19.12 -17.09
C LEU B 96 16.40 -18.33 -15.96
N ALA B 97 16.53 -18.93 -14.77
CA ALA B 97 17.10 -18.23 -13.62
C ALA B 97 18.54 -17.80 -13.89
N ALA B 98 19.29 -18.59 -14.66
CA ALA B 98 20.67 -18.23 -14.96
C ALA B 98 20.76 -16.89 -15.69
N VAL B 99 19.79 -16.60 -16.56
CA VAL B 99 19.79 -15.35 -17.31
C VAL B 99 18.84 -14.30 -16.74
N CYS B 100 18.14 -14.61 -15.65
CA CYS B 100 17.17 -13.69 -15.07
C CYS B 100 17.76 -13.03 -13.83
N ASP B 101 17.57 -11.72 -13.71
CA ASP B 101 18.08 -10.99 -12.56
C ASP B 101 17.24 -11.23 -11.30
N VAL B 102 15.93 -11.35 -11.45
CA VAL B 102 15.00 -11.37 -10.33
C VAL B 102 14.15 -12.63 -10.41
N PHE B 103 13.89 -13.23 -9.23
CA PHE B 103 13.04 -14.41 -9.09
C PHE B 103 11.97 -14.06 -8.07
N VAL B 104 10.70 -14.18 -8.45
CA VAL B 104 9.58 -13.83 -7.58
C VAL B 104 8.63 -15.00 -7.52
N GLU B 105 8.26 -15.39 -6.29
CA GLU B 105 7.31 -16.48 -6.08
C GLU B 105 6.45 -16.16 -4.88
N ASN B 106 5.25 -16.75 -4.86
CA ASN B 106 4.33 -16.52 -3.75
C ASN B 106 3.71 -17.82 -3.25
N TYR B 107 4.45 -18.92 -3.35
CA TYR B 107 3.97 -20.18 -2.79
C TYR B 107 4.26 -20.24 -1.29
N VAL B 108 3.63 -21.21 -0.63
CA VAL B 108 3.84 -21.45 0.80
C VAL B 108 5.31 -21.79 1.03
N PRO B 109 5.94 -21.31 2.11
CA PRO B 109 7.37 -21.58 2.30
C PRO B 109 7.67 -23.07 2.28
N GLY B 110 8.74 -23.43 1.57
CA GLY B 110 9.17 -24.80 1.47
C GLY B 110 8.55 -25.59 0.35
N LYS B 111 7.52 -25.06 -0.32
CA LYS B 111 6.91 -25.80 -1.42
C LYS B 111 7.85 -25.86 -2.62
N LEU B 112 8.39 -24.72 -3.03
CA LEU B 112 9.33 -24.71 -4.14
C LEU B 112 10.62 -25.43 -3.78
N SER B 113 11.05 -25.29 -2.51
CA SER B 113 12.24 -25.99 -2.06
C SER B 113 12.05 -27.50 -2.16
N ALA B 114 10.85 -27.98 -1.84
CA ALA B 114 10.55 -29.40 -1.99
C ALA B 114 10.60 -29.82 -3.44
N MET B 115 10.21 -28.93 -4.36
CA MET B 115 10.24 -29.22 -5.79
C MET B 115 11.62 -28.95 -6.41
N GLY B 116 12.61 -28.52 -5.63
CA GLY B 116 13.91 -28.23 -6.16
C GLY B 116 14.07 -26.83 -6.72
N LEU B 117 13.10 -25.95 -6.49
CA LEU B 117 13.15 -24.57 -6.96
C LEU B 117 13.36 -23.59 -5.81
N GLY B 118 13.83 -24.07 -4.66
CA GLY B 118 14.06 -23.20 -3.52
C GLY B 118 15.22 -22.27 -3.75
N TYR B 119 15.35 -21.30 -2.83
CA TYR B 119 16.40 -20.30 -2.95
C TYR B 119 17.78 -20.93 -2.96
N GLU B 120 18.00 -21.94 -2.12
CA GLU B 120 19.30 -22.62 -2.11
C GLU B 120 19.60 -23.23 -3.47
N ASP B 121 18.60 -23.84 -4.11
CA ASP B 121 18.79 -24.43 -5.42
C ASP B 121 19.04 -23.35 -6.48
N ILE B 122 18.26 -22.28 -6.44
CA ILE B 122 18.42 -21.20 -7.43
C ILE B 122 19.73 -20.46 -7.22
N ASP B 123 20.15 -20.30 -5.97
CA ASP B 123 21.39 -19.57 -5.68
C ASP B 123 22.60 -20.25 -6.30
N GLU B 124 22.61 -21.58 -6.33
CA GLU B 124 23.75 -22.30 -6.89
C GLU B 124 23.97 -21.93 -8.35
N ILE B 125 22.90 -21.95 -9.14
CA ILE B 125 23.01 -21.66 -10.56
C ILE B 125 23.00 -20.16 -10.84
N ALA B 126 22.33 -19.37 -10.00
CA ALA B 126 22.22 -17.93 -10.19
C ALA B 126 22.54 -17.23 -8.88
N PRO B 127 23.84 -17.12 -8.52
CA PRO B 127 24.20 -16.39 -7.30
C PRO B 127 23.85 -14.92 -7.36
N HIS B 128 23.81 -14.34 -8.55
CA HIS B 128 23.43 -12.94 -8.73
C HIS B 128 21.95 -12.69 -8.46
N ILE B 129 21.11 -13.73 -8.57
CA ILE B 129 19.67 -13.51 -8.65
C ILE B 129 19.13 -12.87 -7.37
N ILE B 130 18.13 -12.00 -7.53
CA ILE B 130 17.41 -11.40 -6.42
C ILE B 130 16.15 -12.23 -6.23
N TYR B 131 16.10 -12.97 -5.12
CA TYR B 131 15.02 -13.91 -4.85
C TYR B 131 14.04 -13.27 -3.88
N CYS B 132 12.80 -13.07 -4.33
CA CYS B 132 11.78 -12.45 -3.50
C CYS B 132 10.63 -13.43 -3.30
N SER B 133 10.29 -13.66 -2.03
CA SER B 133 9.23 -14.60 -1.66
C SER B 133 8.13 -13.83 -0.95
N ILE B 134 6.91 -13.96 -1.47
CA ILE B 134 5.72 -13.31 -0.91
C ILE B 134 4.88 -14.38 -0.24
N THR B 135 4.60 -14.21 1.05
CA THR B 135 3.88 -15.24 1.78
C THR B 135 2.80 -14.60 2.64
N GLY B 136 1.99 -15.46 3.26
CA GLY B 136 0.99 -14.97 4.18
C GLY B 136 1.59 -14.42 5.46
N TYR B 137 2.50 -15.18 6.08
CA TYR B 137 3.00 -14.85 7.41
C TYR B 137 4.52 -14.82 7.56
N GLY B 138 5.27 -15.13 6.52
CA GLY B 138 6.72 -15.13 6.59
C GLY B 138 7.31 -16.51 6.35
N GLN B 139 8.63 -16.51 6.13
CA GLN B 139 9.32 -17.76 5.81
C GLN B 139 9.31 -18.73 6.97
N THR B 140 9.43 -18.24 8.19
CA THR B 140 9.48 -19.08 9.38
C THR B 140 8.52 -18.55 10.43
N GLY B 141 8.13 -19.44 11.35
CA GLY B 141 7.26 -19.08 12.44
C GLY B 141 6.27 -20.19 12.75
N PRO B 142 5.54 -20.04 13.86
CA PRO B 142 4.54 -21.06 14.20
C PRO B 142 3.40 -21.17 13.19
N ILE B 143 2.93 -20.06 12.61
CA ILE B 143 1.83 -20.10 11.65
C ILE B 143 2.32 -19.86 10.22
N SER B 144 3.62 -20.02 9.98
CA SER B 144 4.19 -19.74 8.66
C SER B 144 3.66 -20.68 7.58
N GLN B 145 3.32 -21.92 7.93
CA GLN B 145 2.84 -22.89 6.95
C GLN B 145 1.44 -22.58 6.42
N ARG B 146 0.65 -21.78 7.14
CA ARG B 146 -0.67 -21.41 6.65
C ARG B 146 -0.57 -20.59 5.37
N ALA B 147 -1.49 -20.83 4.44
CA ALA B 147 -1.48 -20.08 3.19
C ALA B 147 -1.93 -18.64 3.43
N GLY B 148 -1.54 -17.77 2.50
CA GLY B 148 -1.82 -16.36 2.65
C GLY B 148 -3.10 -15.91 1.99
N TYR B 149 -4.03 -15.36 2.77
CA TYR B 149 -5.29 -14.86 2.27
C TYR B 149 -5.50 -13.45 2.79
N ASP B 150 -5.97 -12.56 1.91
CA ASP B 150 -6.08 -11.15 2.27
C ASP B 150 -7.04 -10.94 3.43
N ALA B 151 -8.24 -11.53 3.35
CA ALA B 151 -9.24 -11.33 4.40
C ALA B 151 -8.77 -11.93 5.72
N VAL B 152 -8.15 -13.10 5.67
CA VAL B 152 -7.65 -13.73 6.89
C VAL B 152 -6.55 -12.87 7.49
N ALA B 153 -5.64 -12.37 6.66
CA ALA B 153 -4.53 -11.57 7.17
C ALA B 153 -5.02 -10.26 7.79
N SER B 154 -5.97 -9.59 7.14
CA SER B 154 -6.47 -8.34 7.72
C SER B 154 -7.13 -8.58 9.07
N ALA B 155 -7.77 -9.74 9.25
CA ALA B 155 -8.35 -10.10 10.54
C ALA B 155 -7.27 -10.34 11.58
N VAL B 156 -6.24 -11.11 11.22
CA VAL B 156 -5.17 -11.42 12.16
C VAL B 156 -4.33 -10.20 12.48
N SER B 157 -4.04 -9.39 11.46
CA SER B 157 -3.19 -8.21 11.65
C SER B 157 -3.90 -7.10 12.43
N GLY B 158 -5.21 -7.17 12.60
CA GLY B 158 -5.94 -6.19 13.36
C GLY B 158 -6.55 -5.05 12.58
N LEU B 159 -6.36 -5.01 11.26
CA LEU B 159 -7.00 -3.96 10.46
C LEU B 159 -8.51 -4.13 10.44
N MET B 160 -9.00 -5.37 10.34
CA MET B 160 -10.43 -5.61 10.33
C MET B 160 -11.09 -5.17 11.63
N HIS B 161 -10.38 -5.30 12.75
CA HIS B 161 -10.95 -4.93 14.04
C HIS B 161 -11.23 -3.43 14.10
N ILE B 162 -10.38 -2.61 13.49
CA ILE B 162 -10.54 -1.16 13.54
C ILE B 162 -11.29 -0.58 12.35
N THR B 163 -11.79 -1.42 11.44
CA THR B 163 -12.51 -0.96 10.26
C THR B 163 -13.96 -1.40 10.37
N GLY B 164 -14.88 -0.44 10.33
CA GLY B 164 -16.29 -0.71 10.39
C GLY B 164 -17.03 0.39 11.09
N PRO B 165 -18.37 0.32 11.11
CA PRO B 165 -19.14 1.36 11.79
C PRO B 165 -18.94 1.30 13.29
N GLU B 166 -19.02 2.46 13.93
CA GLU B 166 -18.90 2.54 15.38
C GLU B 166 -20.01 1.73 16.04
N ASN B 167 -19.63 0.90 17.02
CA ASN B 167 -20.56 -0.01 17.69
C ASN B 167 -21.27 -0.91 16.68
N GLY B 168 -20.49 -1.44 15.73
CA GLY B 168 -21.03 -2.30 14.68
C GLY B 168 -20.06 -3.41 14.37
N ASP B 169 -20.52 -4.34 13.52
CA ASP B 169 -19.69 -5.47 13.15
C ASP B 169 -18.47 -5.02 12.34
N PRO B 170 -17.35 -5.72 12.44
CA PRO B 170 -16.18 -5.38 11.63
C PRO B 170 -16.44 -5.63 10.16
N VAL B 171 -15.78 -4.85 9.31
CA VAL B 171 -15.86 -4.98 7.87
C VAL B 171 -14.46 -4.98 7.28
N ARG B 172 -14.36 -5.38 6.02
CA ARG B 172 -13.08 -5.44 5.31
C ARG B 172 -13.01 -4.36 4.24
N PRO B 173 -11.81 -3.91 3.87
CA PRO B 173 -11.69 -2.97 2.75
C PRO B 173 -12.20 -3.61 1.47
N GLY B 174 -12.77 -2.77 0.59
CA GLY B 174 -13.37 -3.28 -0.63
C GLY B 174 -12.38 -4.01 -1.51
N VAL B 175 -11.21 -3.44 -1.71
CA VAL B 175 -10.14 -4.10 -2.43
C VAL B 175 -9.17 -4.69 -1.41
N ALA B 176 -8.36 -5.65 -1.87
CA ALA B 176 -7.42 -6.36 -1.01
C ALA B 176 -6.19 -5.48 -0.78
N MET B 177 -6.38 -4.46 0.07
CA MET B 177 -5.31 -3.50 0.32
C MET B 177 -4.12 -4.16 1.02
N THR B 178 -4.35 -5.16 1.85
CA THR B 178 -3.22 -5.89 2.42
C THR B 178 -2.40 -6.56 1.34
N ASP B 179 -3.07 -7.19 0.36
CA ASP B 179 -2.36 -7.80 -0.76
C ASP B 179 -1.61 -6.75 -1.57
N LEU B 180 -2.28 -5.64 -1.88
CA LEU B 180 -1.68 -4.60 -2.70
C LEU B 180 -0.52 -3.93 -1.97
N ALA B 181 -0.67 -3.71 -0.66
CA ALA B 181 0.42 -3.13 0.12
C ALA B 181 1.65 -4.05 0.14
N THR B 182 1.43 -5.36 0.30
CA THR B 182 2.55 -6.29 0.24
C THR B 182 3.22 -6.26 -1.13
N GLY B 183 2.42 -6.17 -2.19
CA GLY B 183 2.99 -6.05 -3.53
C GLY B 183 3.83 -4.80 -3.68
N LEU B 184 3.36 -3.68 -3.11
CA LEU B 184 4.14 -2.45 -3.14
C LEU B 184 5.42 -2.58 -2.33
N TYR B 185 5.35 -3.25 -1.16
CA TYR B 185 6.57 -3.49 -0.39
C TYR B 185 7.59 -4.26 -1.20
N ALA B 186 7.14 -5.34 -1.85
CA ALA B 186 8.03 -6.19 -2.64
C ALA B 186 8.57 -5.44 -3.85
N TYR B 187 7.72 -4.66 -4.53
CA TYR B 187 8.16 -3.93 -5.72
C TYR B 187 9.28 -2.96 -5.38
N GLY B 188 9.20 -2.30 -4.22
CA GLY B 188 10.31 -1.48 -3.77
C GLY B 188 11.49 -2.31 -3.31
N ALA B 189 11.22 -3.43 -2.63
CA ALA B 189 12.30 -4.25 -2.09
C ALA B 189 13.15 -4.86 -3.19
N ILE B 190 12.51 -5.30 -4.27
CA ILE B 190 13.24 -5.88 -5.39
C ILE B 190 14.21 -4.87 -5.97
N MET B 191 13.79 -3.62 -6.10
CA MET B 191 14.69 -2.58 -6.59
C MET B 191 15.84 -2.33 -5.62
N ALA B 192 15.57 -2.43 -4.31
CA ALA B 192 16.63 -2.31 -3.32
C ALA B 192 17.65 -3.43 -3.49
N GLY B 193 17.18 -4.63 -3.81
CA GLY B 193 18.11 -5.72 -4.09
C GLY B 193 19.00 -5.45 -5.28
N LEU B 194 18.43 -4.84 -6.33
CA LEU B 194 19.23 -4.51 -7.50
C LEU B 194 20.30 -3.47 -7.16
N ILE B 195 19.95 -2.47 -6.36
CA ILE B 195 20.94 -1.49 -5.94
C ILE B 195 22.01 -2.15 -5.07
N GLN B 196 21.60 -3.05 -4.18
CA GLN B 196 22.56 -3.83 -3.41
C GLN B 196 23.40 -4.72 -4.31
N LYS B 197 22.79 -5.31 -5.33
CA LYS B 197 23.51 -6.20 -6.23
C LYS B 197 24.61 -5.45 -6.99
N TYR B 198 24.34 -4.21 -7.41
CA TYR B 198 25.34 -3.45 -8.15
C TYR B 198 26.59 -3.22 -7.32
N LYS B 199 26.42 -2.90 -6.04
CA LYS B 199 27.57 -2.64 -5.18
C LYS B 199 28.32 -3.93 -4.87
N THR B 200 27.61 -4.96 -4.41
CA THR B 200 28.27 -6.17 -3.95
C THR B 200 28.60 -7.13 -5.09
N GLY B 201 27.77 -7.18 -6.12
CA GLY B 201 27.97 -8.16 -7.17
C GLY B 201 27.35 -9.51 -6.88
N LYS B 202 26.58 -9.62 -5.81
CA LYS B 202 25.95 -10.87 -5.41
C LYS B 202 24.48 -10.62 -5.12
N GLY B 203 23.66 -11.67 -5.31
CA GLY B 203 22.24 -11.58 -5.05
C GLY B 203 21.90 -11.80 -3.58
N LEU B 204 20.64 -11.59 -3.26
CA LEU B 204 20.14 -11.77 -1.89
C LEU B 204 18.74 -12.37 -1.93
N PHE B 205 18.25 -12.74 -0.75
CA PHE B 205 16.91 -13.26 -0.56
C PHE B 205 16.06 -12.21 0.14
N ILE B 206 14.81 -12.08 -0.30
CA ILE B 206 13.86 -11.11 0.23
C ILE B 206 12.66 -11.86 0.82
N ASP B 207 12.22 -11.42 1.99
CA ASP B 207 11.02 -11.96 2.63
C ASP B 207 9.97 -10.85 2.70
N CYS B 208 8.84 -11.09 2.05
CA CYS B 208 7.69 -10.19 2.09
C CYS B 208 6.48 -11.02 2.48
N ASN B 209 5.68 -10.51 3.43
CA ASN B 209 4.49 -11.24 3.84
C ASN B 209 3.36 -10.27 4.17
N LEU B 210 2.14 -10.77 4.05
CA LEU B 210 0.97 -9.94 4.31
C LEU B 210 0.93 -9.47 5.76
N LEU B 211 1.26 -10.36 6.70
CA LEU B 211 1.17 -10.00 8.12
C LEU B 211 2.10 -8.85 8.46
N SER B 212 3.36 -8.93 8.02
CA SER B 212 4.31 -7.86 8.30
C SER B 212 3.88 -6.56 7.62
N SER B 213 3.37 -6.64 6.38
CA SER B 213 2.95 -5.43 5.68
C SER B 213 1.81 -4.73 6.40
N GLN B 214 0.78 -5.48 6.79
CA GLN B 214 -0.38 -4.84 7.40
C GLN B 214 -0.05 -4.31 8.79
N VAL B 215 0.73 -5.07 9.58
CA VAL B 215 1.08 -4.61 10.92
C VAL B 215 1.92 -3.34 10.84
N ALA B 216 2.87 -3.28 9.91
CA ALA B 216 3.66 -2.07 9.74
C ALA B 216 2.78 -0.88 9.38
N CYS B 217 1.75 -1.12 8.56
CA CYS B 217 0.83 -0.06 8.18
C CYS B 217 0.00 0.44 9.36
N LEU B 218 -0.18 -0.37 10.41
CA LEU B 218 -0.92 0.10 11.57
C LEU B 218 -0.27 1.34 12.18
N SER B 219 1.06 1.40 12.17
CA SER B 219 1.81 2.62 12.45
C SER B 219 1.32 3.30 13.73
N HIS B 220 0.75 4.51 13.62
CA HIS B 220 0.40 5.27 14.81
C HIS B 220 -0.64 4.56 15.66
N ILE B 221 -1.58 3.84 15.04
CA ILE B 221 -2.59 3.12 15.81
C ILE B 221 -1.94 2.01 16.64
N ALA B 222 -1.03 1.25 16.04
CA ALA B 222 -0.32 0.24 16.81
C ALA B 222 0.57 0.88 17.87
N ALA B 223 1.22 2.00 17.52
CA ALA B 223 2.06 2.71 18.49
C ALA B 223 1.24 3.19 19.68
N ASN B 224 -0.05 3.47 19.49
CA ASN B 224 -0.90 3.87 20.61
C ASN B 224 -0.95 2.78 21.66
N TYR B 225 -1.05 1.51 21.24
CA TYR B 225 -1.03 0.40 22.19
C TYR B 225 0.39 0.10 22.68
N LEU B 226 1.38 0.13 21.79
CA LEU B 226 2.74 -0.25 22.19
C LEU B 226 3.30 0.73 23.20
N ILE B 227 3.02 2.01 23.04
CA ILE B 227 3.54 3.04 23.92
C ILE B 227 2.53 3.40 25.00
N GLY B 228 1.32 3.75 24.61
CA GLY B 228 0.34 4.20 25.57
C GLY B 228 -0.59 3.15 26.14
N GLN B 229 -0.49 1.90 25.69
CA GLN B 229 -1.37 0.82 26.13
C GLN B 229 -2.83 1.21 25.94
N LYS B 230 -3.13 1.77 24.78
CA LYS B 230 -4.49 2.20 24.42
C LYS B 230 -5.02 1.28 23.34
N GLU B 231 -6.25 0.79 23.54
CA GLU B 231 -6.88 -0.11 22.59
C GLU B 231 -7.74 0.69 21.60
N ALA B 232 -7.59 0.38 20.31
CA ALA B 232 -8.30 1.08 19.24
C ALA B 232 -9.73 0.58 19.08
N LYS B 233 -10.55 1.40 18.43
CA LYS B 233 -11.95 1.04 18.19
C LYS B 233 -12.35 1.50 16.79
N ARG B 234 -13.47 0.96 16.33
CA ARG B 234 -14.05 1.35 15.04
C ARG B 234 -14.69 2.72 15.12
N TRP B 235 -14.46 3.55 14.11
CA TRP B 235 -15.00 4.90 14.08
C TRP B 235 -15.86 5.17 12.84
N GLY B 236 -16.19 4.16 12.06
CA GLY B 236 -16.97 4.39 10.85
C GLY B 236 -16.21 5.19 9.81
N THR B 237 -16.76 6.33 9.40
CA THR B 237 -16.02 7.29 8.59
C THR B 237 -15.41 8.42 9.42
N ALA B 238 -15.70 8.48 10.72
CA ALA B 238 -15.22 9.54 11.57
C ALA B 238 -13.79 9.25 12.06
N HIS B 239 -13.18 10.27 12.66
CA HIS B 239 -11.85 10.18 13.23
C HIS B 239 -11.92 10.39 14.73
N GLY B 240 -11.11 9.64 15.47
CA GLY B 240 -11.16 9.69 16.92
C GLY B 240 -10.80 11.05 17.49
N SER B 241 -9.75 11.67 16.95
CA SER B 241 -9.19 12.88 17.53
C SER B 241 -9.59 14.16 16.83
N ILE B 242 -10.28 14.09 15.70
CA ILE B 242 -10.65 15.28 14.93
C ILE B 242 -12.16 15.25 14.73
N VAL B 243 -12.83 16.30 15.19
CA VAL B 243 -14.28 16.45 15.01
C VAL B 243 -14.55 17.86 14.52
N PRO B 244 -15.32 18.03 13.44
CA PRO B 244 -15.95 16.98 12.62
C PRO B 244 -15.09 16.57 11.43
N TYR B 245 -14.90 15.27 11.21
CA TYR B 245 -14.15 14.77 10.05
C TYR B 245 -14.72 13.41 9.68
N GLN B 246 -15.85 13.43 8.95
CA GLN B 246 -16.53 12.19 8.59
C GLN B 246 -17.36 12.40 7.33
N ALA B 247 -17.89 11.29 6.80
CA ALA B 247 -18.86 11.34 5.72
C ALA B 247 -20.23 11.71 6.27
N PHE B 248 -20.93 12.58 5.55
CA PHE B 248 -22.25 13.07 5.95
C PHE B 248 -23.27 12.69 4.89
N LYS B 249 -24.38 12.10 5.33
CA LYS B 249 -25.45 11.75 4.41
C LYS B 249 -26.15 13.00 3.88
N THR B 250 -26.45 13.00 2.59
CA THR B 250 -27.14 14.09 1.93
C THR B 250 -28.41 13.55 1.27
N LYS B 251 -29.13 14.45 0.61
CA LYS B 251 -30.39 14.07 -0.03
C LYS B 251 -30.18 13.00 -1.10
N ASP B 252 -29.12 13.12 -1.90
CA ASP B 252 -28.85 12.19 -2.98
C ASP B 252 -27.58 11.36 -2.82
N GLY B 253 -26.86 11.51 -1.71
CA GLY B 253 -25.62 10.77 -1.54
C GLY B 253 -24.89 11.03 -0.23
N TYR B 254 -23.56 10.94 -0.27
CA TYR B 254 -22.71 11.18 0.88
C TYR B 254 -21.64 12.19 0.51
N ILE B 255 -21.29 13.06 1.46
CA ILE B 255 -20.20 14.01 1.29
C ILE B 255 -19.30 13.92 2.51
N VAL B 256 -17.99 13.97 2.28
CA VAL B 256 -16.99 13.95 3.34
C VAL B 256 -16.55 15.39 3.57
N VAL B 257 -16.72 15.88 4.79
CA VAL B 257 -16.32 17.23 5.17
C VAL B 257 -15.53 17.15 6.46
N GLY B 258 -14.43 17.89 6.52
CA GLY B 258 -13.59 17.90 7.71
C GLY B 258 -13.10 19.29 8.03
N ALA B 259 -12.88 19.52 9.31
CA ALA B 259 -12.28 20.76 9.79
C ALA B 259 -11.20 20.42 10.82
N GLY B 260 -9.97 20.81 10.54
CA GLY B 260 -8.84 20.50 11.40
C GLY B 260 -8.43 21.59 12.36
N ASN B 261 -9.05 22.77 12.29
CA ASN B 261 -8.74 23.86 13.20
C ASN B 261 -9.94 24.79 13.25
N ASN B 262 -9.87 25.77 14.16
CA ASN B 262 -10.98 26.70 14.32
C ASN B 262 -11.23 27.52 13.07
N GLN B 263 -10.17 27.87 12.34
CA GLN B 263 -10.35 28.60 11.08
C GLN B 263 -11.15 27.77 10.09
N GLN B 264 -10.79 26.49 9.94
CA GLN B 264 -11.54 25.62 9.05
C GLN B 264 -12.95 25.37 9.58
N PHE B 265 -13.09 25.21 10.89
CA PHE B 265 -14.42 24.99 11.46
C PHE B 265 -15.32 26.19 11.24
N ALA B 266 -14.79 27.40 11.38
CA ALA B 266 -15.58 28.58 11.10
C ALA B 266 -16.01 28.63 9.63
N THR B 267 -15.11 28.22 8.73
CA THR B 267 -15.45 28.20 7.31
C THR B 267 -16.58 27.22 7.02
N VAL B 268 -16.52 26.02 7.59
CA VAL B 268 -17.56 25.03 7.37
C VAL B 268 -18.90 25.52 7.91
N CYS B 269 -18.88 26.13 9.10
CA CYS B 269 -20.12 26.61 9.72
C CYS B 269 -20.77 27.69 8.87
N LYS B 270 -19.97 28.60 8.32
CA LYS B 270 -20.53 29.66 7.48
C LYS B 270 -21.14 29.07 6.21
N ILE B 271 -20.46 28.12 5.58
CA ILE B 271 -21.01 27.49 4.38
C ILE B 271 -22.32 26.77 4.71
N LEU B 272 -22.40 26.17 5.88
CA LEU B 272 -23.63 25.50 6.30
C LEU B 272 -24.65 26.46 6.87
N ASP B 273 -24.34 27.75 6.92
CA ASP B 273 -25.21 28.77 7.47
C ASP B 273 -25.52 28.47 8.95
N LEU B 274 -24.48 28.12 9.70
CA LEU B 274 -24.58 27.88 11.14
C LEU B 274 -23.49 28.66 11.86
N PRO B 275 -23.53 29.99 11.84
CA PRO B 275 -22.47 30.76 12.48
C PRO B 275 -22.49 30.66 14.00
N GLU B 276 -23.66 30.40 14.60
CA GLU B 276 -23.76 30.35 16.06
C GLU B 276 -22.84 29.28 16.63
N LEU B 277 -22.58 28.21 15.87
CA LEU B 277 -21.72 27.14 16.36
C LEU B 277 -20.30 27.63 16.59
N ILE B 278 -19.84 28.63 15.83
CA ILE B 278 -18.45 29.07 15.91
C ILE B 278 -18.14 29.59 17.31
N ASP B 279 -19.02 30.44 17.84
CA ASP B 279 -18.79 31.04 19.16
C ASP B 279 -19.39 30.22 20.30
N ASN B 280 -20.08 29.11 19.99
CA ASN B 280 -20.64 28.27 21.03
C ASN B 280 -19.52 27.69 21.89
N SER B 281 -19.75 27.68 23.21
CA SER B 281 -18.72 27.21 24.13
C SER B 281 -18.43 25.73 23.94
N LYS B 282 -19.45 24.93 23.60
CA LYS B 282 -19.24 23.50 23.41
C LYS B 282 -18.35 23.21 22.20
N TYR B 283 -18.36 24.08 21.18
CA TYR B 283 -17.63 23.85 19.95
C TYR B 283 -16.54 24.89 19.71
N LYS B 284 -16.11 25.60 20.77
CA LYS B 284 -15.13 26.67 20.62
C LYS B 284 -13.79 26.11 20.14
N THR B 285 -13.39 24.93 20.61
CA THR B 285 -12.11 24.34 20.27
C THR B 285 -12.31 22.93 19.74
N ASN B 286 -11.26 22.39 19.12
CA ASN B 286 -11.32 21.02 18.60
C ASN B 286 -11.51 20.01 19.73
N HIS B 287 -10.78 20.17 20.84
CA HIS B 287 -10.94 19.26 21.96
C HIS B 287 -12.36 19.33 22.52
N LEU B 288 -12.92 20.54 22.59
CA LEU B 288 -14.31 20.69 23.01
C LEU B 288 -15.26 20.05 22.01
N ARG B 289 -14.97 20.20 20.71
CA ARG B 289 -15.80 19.58 19.69
C ARG B 289 -15.74 18.06 19.78
N VAL B 290 -14.56 17.50 20.05
CA VAL B 290 -14.44 16.06 20.22
C VAL B 290 -15.21 15.59 21.44
N HIS B 291 -15.16 16.37 22.53
CA HIS B 291 -15.89 16.00 23.73
C HIS B 291 -17.40 16.04 23.49
N ASN B 292 -17.87 17.05 22.75
CA ASN B 292 -19.28 17.19 22.40
C ASN B 292 -19.56 16.66 21.00
N ARG B 293 -18.88 15.58 20.62
CA ARG B 293 -18.98 15.03 19.27
C ARG B 293 -20.41 14.63 18.94
N LYS B 294 -21.09 13.94 19.86
CA LYS B 294 -22.42 13.42 19.56
C LYS B 294 -23.40 14.54 19.24
N GLU B 295 -23.37 15.62 20.01
CA GLU B 295 -24.30 16.72 19.78
C GLU B 295 -23.97 17.48 18.50
N LEU B 296 -22.67 17.75 18.27
CA LEU B 296 -22.26 18.53 17.10
C LEU B 296 -22.57 17.81 15.80
N ILE B 297 -22.29 16.51 15.74
CA ILE B 297 -22.53 15.74 14.51
C ILE B 297 -24.01 15.73 14.18
N LYS B 298 -24.87 15.64 15.20
CA LYS B 298 -26.32 15.62 14.96
C LYS B 298 -26.77 16.91 14.30
N ILE B 299 -26.29 18.06 14.78
CA ILE B 299 -26.68 19.33 14.19
C ILE B 299 -26.18 19.45 12.76
N LEU B 300 -24.92 19.09 12.54
CA LEU B 300 -24.35 19.17 11.19
C LEU B 300 -25.05 18.22 10.23
N SER B 301 -25.36 17.00 10.69
CA SER B 301 -25.99 16.02 9.83
C SER B 301 -27.38 16.49 9.38
N GLU B 302 -28.10 17.18 10.26
CA GLU B 302 -29.42 17.69 9.88
C GLU B 302 -29.31 18.70 8.74
N ARG B 303 -28.26 19.53 8.76
CA ARG B 303 -28.09 20.51 7.71
C ARG B 303 -27.70 19.86 6.38
N PHE B 304 -26.80 18.87 6.41
CA PHE B 304 -26.33 18.27 5.17
C PHE B 304 -27.44 17.53 4.44
N GLU B 305 -28.35 16.91 5.19
CA GLU B 305 -29.45 16.18 4.56
C GLU B 305 -30.39 17.11 3.79
N GLU B 306 -30.47 18.37 4.20
CA GLU B 306 -31.43 19.30 3.61
C GLU B 306 -31.11 19.62 2.15
N GLU B 307 -29.84 19.54 1.75
CA GLU B 307 -29.42 19.93 0.41
C GLU B 307 -28.80 18.75 -0.33
N LEU B 308 -28.80 18.86 -1.67
CA LEU B 308 -28.22 17.84 -2.53
C LEU B 308 -26.69 17.88 -2.47
N THR B 309 -26.08 16.75 -2.85
CA THR B 309 -24.62 16.68 -2.88
C THR B 309 -24.03 17.68 -3.86
N SER B 310 -24.66 17.83 -5.03
CA SER B 310 -24.13 18.75 -6.04
C SER B 310 -24.11 20.18 -5.54
N LYS B 311 -25.14 20.60 -4.79
CA LYS B 311 -25.14 21.94 -4.25
C LYS B 311 -24.02 22.15 -3.23
N TRP B 312 -23.76 21.13 -2.39
CA TRP B 312 -22.68 21.24 -1.43
C TRP B 312 -21.32 21.38 -2.11
N LEU B 313 -21.09 20.60 -3.18
CA LEU B 313 -19.85 20.70 -3.92
C LEU B 313 -19.67 22.09 -4.50
N TYR B 314 -20.76 22.70 -4.98
CA TYR B 314 -20.69 24.07 -5.48
C TYR B 314 -20.39 25.06 -4.36
N LEU B 315 -21.05 24.89 -3.21
CA LEU B 315 -20.87 25.81 -2.10
C LEU B 315 -19.47 25.70 -1.49
N PHE B 316 -18.94 24.48 -1.42
CA PHE B 316 -17.63 24.26 -0.82
C PHE B 316 -16.47 24.55 -1.77
N GLU B 317 -16.74 24.93 -3.01
CA GLU B 317 -15.68 25.23 -3.96
C GLU B 317 -14.84 26.41 -3.46
N GLY B 318 -13.53 26.21 -3.40
CA GLY B 318 -12.64 27.23 -2.91
C GLY B 318 -12.65 27.43 -1.41
N SER B 319 -13.31 26.55 -0.66
CA SER B 319 -13.37 26.70 0.79
C SER B 319 -12.00 26.55 1.44
N GLY B 320 -11.15 25.69 0.88
CA GLY B 320 -9.86 25.43 1.49
C GLY B 320 -9.89 24.43 2.63
N VAL B 321 -11.02 23.76 2.85
CA VAL B 321 -11.15 22.76 3.90
C VAL B 321 -11.30 21.40 3.24
N PRO B 322 -11.00 20.30 3.94
CA PRO B 322 -11.19 18.97 3.35
C PRO B 322 -12.65 18.72 3.01
N TYR B 323 -12.88 18.36 1.74
CA TYR B 323 -14.24 18.08 1.30
C TYR B 323 -14.18 17.27 0.01
N GLY B 324 -15.03 16.25 -0.07
CA GLY B 324 -15.13 15.40 -1.23
C GLY B 324 -16.39 14.55 -1.23
N PRO B 325 -16.79 14.07 -2.39
CA PRO B 325 -17.96 13.19 -2.49
C PRO B 325 -17.60 11.72 -2.52
N ILE B 326 -18.41 10.85 -1.92
CA ILE B 326 -18.22 9.43 -2.11
C ILE B 326 -18.63 9.07 -3.54
N ASN B 327 -17.71 8.49 -4.30
CA ASN B 327 -17.91 8.21 -5.71
C ASN B 327 -17.97 6.71 -5.93
N ASN B 328 -18.94 6.28 -6.72
CA ASN B 328 -18.98 4.89 -7.18
C ASN B 328 -18.10 4.76 -8.42
N MET B 329 -18.02 3.53 -8.96
CA MET B 329 -17.16 3.29 -10.12
C MET B 329 -17.55 4.17 -11.29
N LYS B 330 -18.85 4.37 -11.51
CA LYS B 330 -19.29 5.24 -12.59
C LYS B 330 -18.82 6.67 -12.36
N ASN B 331 -18.92 7.15 -11.12
CA ASN B 331 -18.53 8.53 -10.82
C ASN B 331 -17.01 8.71 -10.82
N VAL B 332 -16.26 7.68 -10.42
CA VAL B 332 -14.81 7.82 -10.32
C VAL B 332 -14.21 8.15 -11.68
N PHE B 333 -14.50 7.33 -12.68
CA PHE B 333 -13.96 7.53 -14.02
C PHE B 333 -14.69 8.60 -14.81
N ALA B 334 -15.84 9.07 -14.31
CA ALA B 334 -16.42 10.30 -14.85
C ALA B 334 -15.59 11.53 -14.48
N GLU B 335 -14.89 11.49 -13.34
CA GLU B 335 -14.13 12.64 -12.87
C GLU B 335 -13.06 13.03 -13.89
N PRO B 336 -12.98 14.29 -14.30
CA PRO B 336 -11.91 14.70 -15.23
C PRO B 336 -10.51 14.53 -14.67
N GLN B 337 -10.33 14.74 -13.35
CA GLN B 337 -9.00 14.60 -12.77
C GLN B 337 -8.48 13.17 -12.93
N VAL B 338 -9.35 12.18 -12.76
CA VAL B 338 -8.93 10.79 -12.93
C VAL B 338 -8.48 10.56 -14.38
N LEU B 339 -9.23 11.09 -15.35
CA LEU B 339 -8.86 10.94 -16.75
C LEU B 339 -7.57 11.71 -17.07
N HIS B 340 -7.44 12.92 -16.54
CA HIS B 340 -6.25 13.73 -16.78
C HIS B 340 -4.98 13.06 -16.22
N ASN B 341 -5.10 12.36 -15.10
CA ASN B 341 -3.96 11.65 -14.53
C ASN B 341 -3.57 10.41 -15.32
N GLY B 342 -4.31 10.05 -16.36
CA GLY B 342 -3.99 8.87 -17.13
C GLY B 342 -4.45 7.58 -16.49
N LEU B 343 -5.33 7.67 -15.49
CA LEU B 343 -5.72 6.49 -14.72
C LEU B 343 -6.45 5.46 -15.57
N VAL B 344 -7.11 5.89 -16.63
CA VAL B 344 -7.73 4.96 -17.58
C VAL B 344 -6.70 4.63 -18.65
N MET B 345 -6.22 3.39 -18.64
CA MET B 345 -5.22 2.93 -19.60
C MET B 345 -5.86 1.94 -20.56
N GLU B 346 -5.71 2.21 -21.86
CA GLU B 346 -6.30 1.38 -22.90
C GLU B 346 -5.19 0.69 -23.66
N MET B 347 -5.34 -0.62 -23.86
CA MET B 347 -4.38 -1.41 -24.61
C MET B 347 -5.11 -2.32 -25.59
N GLU B 348 -4.39 -2.72 -26.63
CA GLU B 348 -4.96 -3.49 -27.74
C GLU B 348 -4.64 -4.98 -27.53
N HIS B 349 -5.63 -5.73 -27.05
CA HIS B 349 -5.44 -7.15 -26.85
C HIS B 349 -5.56 -7.90 -28.19
N PRO B 350 -4.66 -8.84 -28.46
CA PRO B 350 -4.65 -9.47 -29.80
C PRO B 350 -5.94 -10.17 -30.16
N THR B 351 -6.57 -10.87 -29.21
CA THR B 351 -7.81 -11.58 -29.49
C THR B 351 -9.04 -10.94 -28.88
N VAL B 352 -8.87 -10.09 -27.87
CA VAL B 352 -10.00 -9.48 -27.18
C VAL B 352 -10.32 -8.08 -27.68
N GLY B 353 -9.40 -7.42 -28.38
CA GLY B 353 -9.62 -6.06 -28.82
C GLY B 353 -9.18 -5.04 -27.78
N LYS B 354 -9.67 -3.82 -27.95
CA LYS B 354 -9.32 -2.74 -27.03
C LYS B 354 -9.93 -3.00 -25.65
N ILE B 355 -9.12 -2.83 -24.60
CA ILE B 355 -9.55 -3.04 -23.23
C ILE B 355 -8.97 -1.91 -22.38
N SER B 356 -9.63 -1.62 -21.26
CA SER B 356 -9.24 -0.53 -20.37
C SER B 356 -9.05 -1.05 -18.96
N VAL B 357 -7.92 -0.71 -18.34
CA VAL B 357 -7.63 -1.06 -16.95
C VAL B 357 -7.03 0.16 -16.26
N PRO B 358 -7.03 0.16 -14.92
CA PRO B 358 -6.41 1.27 -14.19
C PRO B 358 -4.93 1.41 -14.51
N GLY B 359 -4.52 2.65 -14.79
CA GLY B 359 -3.17 2.94 -15.20
C GLY B 359 -2.20 3.05 -14.04
N PRO B 360 -0.94 3.29 -14.37
CA PRO B 360 0.09 3.44 -13.34
C PRO B 360 -0.19 4.65 -12.45
N ALA B 361 0.07 4.47 -11.15
CA ALA B 361 -0.14 5.54 -10.18
C ALA B 361 0.91 6.63 -10.31
N VAL B 362 2.15 6.26 -10.64
CA VAL B 362 3.30 7.16 -10.63
C VAL B 362 3.62 7.64 -12.04
N ARG B 363 3.92 8.92 -12.17
CA ARG B 363 4.34 9.53 -13.44
C ARG B 363 5.72 10.17 -13.26
N TYR B 364 6.62 9.89 -14.21
CA TYR B 364 7.98 10.41 -14.19
C TYR B 364 8.18 11.40 -15.33
N SER B 365 9.08 12.36 -15.12
CA SER B 365 9.32 13.40 -16.12
C SER B 365 10.14 12.88 -17.30
N LYS B 366 11.16 12.04 -17.04
CA LYS B 366 12.08 11.63 -18.10
C LYS B 366 11.45 10.66 -19.09
N PHE B 367 10.56 9.78 -18.62
CA PHE B 367 10.00 8.75 -19.47
C PHE B 367 8.51 8.60 -19.21
N LYS B 368 7.81 8.04 -20.19
CA LYS B 368 6.38 7.81 -20.12
C LYS B 368 6.10 6.30 -20.11
N MET B 369 5.14 5.89 -19.28
CA MET B 369 4.71 4.50 -19.20
C MET B 369 3.30 4.31 -19.75
N SER B 370 2.80 5.29 -20.52
CA SER B 370 1.42 5.24 -21.01
C SER B 370 1.21 4.09 -21.98
N GLU B 371 2.20 3.78 -22.80
CA GLU B 371 2.10 2.69 -23.77
C GLU B 371 2.52 1.39 -23.09
N ALA B 372 1.60 0.43 -23.02
CA ALA B 372 1.82 -0.80 -22.27
C ALA B 372 1.44 -2.03 -23.09
N ARG B 373 2.21 -3.10 -22.92
CA ARG B 373 1.89 -4.36 -23.57
C ARG B 373 0.66 -4.99 -22.93
N PRO B 374 -0.24 -5.56 -23.73
CA PRO B 374 -1.45 -6.18 -23.16
C PRO B 374 -1.10 -7.46 -22.42
N PRO B 375 -1.96 -7.88 -21.49
CA PRO B 375 -1.71 -9.12 -20.74
C PRO B 375 -1.61 -10.32 -21.68
N PRO B 376 -0.65 -11.20 -21.43
CA PRO B 376 -0.42 -12.33 -22.34
C PRO B 376 -1.46 -13.44 -22.18
N LEU B 377 -1.69 -14.14 -23.28
CA LEU B 377 -2.50 -15.35 -23.25
C LEU B 377 -1.71 -16.49 -22.62
N LEU B 378 -2.43 -17.49 -22.15
CA LEU B 378 -1.79 -18.61 -21.47
C LEU B 378 -0.86 -19.36 -22.41
N GLY B 379 0.43 -19.39 -22.07
CA GLY B 379 1.41 -20.02 -22.94
C GLY B 379 1.65 -19.30 -24.24
N GLN B 380 1.38 -17.99 -24.29
CA GLN B 380 1.50 -17.25 -25.54
C GLN B 380 2.94 -17.21 -26.04
N HIS B 381 3.91 -17.00 -25.14
CA HIS B 381 5.31 -16.84 -25.51
C HIS B 381 6.14 -18.07 -25.16
N THR B 382 5.49 -19.23 -24.99
CA THR B 382 6.20 -20.44 -24.59
C THR B 382 7.27 -20.83 -25.61
N THR B 383 6.87 -20.94 -26.88
CA THR B 383 7.83 -21.33 -27.92
C THR B 383 8.86 -20.24 -28.16
N HIS B 384 8.43 -18.97 -28.13
CA HIS B 384 9.36 -17.87 -28.38
C HIS B 384 10.44 -17.80 -27.31
N ILE B 385 10.04 -17.93 -26.04
CA ILE B 385 11.02 -17.87 -24.95
C ILE B 385 11.98 -19.06 -25.03
N LEU B 386 11.45 -20.25 -25.28
CA LEU B 386 12.30 -21.43 -25.37
C LEU B 386 13.28 -21.35 -26.54
N LYS B 387 12.78 -20.91 -27.70
CA LYS B 387 13.63 -20.88 -28.89
C LYS B 387 14.71 -19.82 -28.79
N GLU B 388 14.37 -18.64 -28.25
CA GLU B 388 15.30 -17.52 -28.24
C GLU B 388 16.10 -17.42 -26.95
N VAL B 389 15.42 -17.37 -25.79
CA VAL B 389 16.12 -17.16 -24.53
C VAL B 389 16.95 -18.39 -24.15
N LEU B 390 16.38 -19.58 -24.29
CA LEU B 390 17.05 -20.81 -23.90
C LEU B 390 17.67 -21.56 -25.07
N ARG B 391 17.54 -21.03 -26.29
CA ARG B 391 18.17 -21.59 -27.48
C ARG B 391 17.74 -23.05 -27.71
N TYR B 392 16.46 -23.33 -27.48
CA TYR B 392 15.92 -24.66 -27.75
C TYR B 392 15.63 -24.81 -29.24
N ASP B 393 15.99 -25.97 -29.79
CA ASP B 393 15.65 -26.21 -31.19
C ASP B 393 14.17 -26.61 -31.30
N ASP B 394 13.64 -26.53 -32.51
CA ASP B 394 12.23 -26.85 -32.71
C ASP B 394 11.91 -28.28 -32.33
N ARG B 395 12.86 -29.21 -32.56
CA ARG B 395 12.58 -30.61 -32.26
C ARG B 395 12.31 -30.84 -30.78
N ALA B 396 13.15 -30.28 -29.91
CA ALA B 396 12.96 -30.47 -28.48
C ALA B 396 11.69 -29.82 -27.99
N ILE B 397 11.35 -28.64 -28.53
CA ILE B 397 10.13 -27.95 -28.13
C ILE B 397 8.91 -28.81 -28.47
N GLY B 398 8.93 -29.46 -29.63
CA GLY B 398 7.84 -30.35 -29.99
C GLY B 398 7.73 -31.54 -29.05
N GLU B 399 8.88 -32.09 -28.64
CA GLU B 399 8.86 -33.21 -27.70
C GLU B 399 8.30 -32.77 -26.35
N LEU B 400 8.68 -31.57 -25.89
CA LEU B 400 8.12 -31.04 -24.65
C LEU B 400 6.62 -30.83 -24.78
N LEU B 401 6.17 -30.34 -25.94
CA LEU B 401 4.75 -30.11 -26.16
C LEU B 401 3.96 -31.42 -26.14
N SER B 402 4.48 -32.46 -26.79
CA SER B 402 3.78 -33.74 -26.83
C SER B 402 3.68 -34.35 -25.43
N ALA B 403 4.76 -34.25 -24.65
CA ALA B 403 4.75 -34.83 -23.30
C ALA B 403 3.83 -34.07 -22.36
N GLY B 404 3.56 -32.80 -22.65
CA GLY B 404 2.77 -31.97 -21.76
C GLY B 404 3.57 -31.14 -20.78
N VAL B 405 4.90 -31.15 -20.89
CA VAL B 405 5.73 -30.34 -20.00
C VAL B 405 5.48 -28.86 -20.21
N VAL B 406 5.32 -28.44 -21.46
CA VAL B 406 5.07 -27.05 -21.80
C VAL B 406 3.81 -26.97 -22.66
N ASP B 407 3.18 -25.79 -22.64
CA ASP B 407 1.95 -25.53 -23.38
C ASP B 407 2.10 -24.24 -24.17
N GLN B 408 1.71 -24.27 -25.44
CA GLN B 408 1.78 -23.11 -26.33
C GLN B 408 0.38 -22.76 -26.82
N HIS B 409 0.04 -21.47 -26.76
CA HIS B 409 -1.26 -20.99 -27.21
C HIS B 409 -1.32 -20.92 -28.73
N GLU B 410 -2.55 -20.90 -29.25
CA GLU B 410 -2.74 -20.75 -30.70
C GLU B 410 -2.17 -19.43 -31.20
N THR B 411 -2.44 -18.34 -30.49
CA THR B 411 -1.89 -17.04 -30.84
C THR B 411 -0.50 -16.88 -30.25
N HIS B 412 0.44 -16.39 -31.05
CA HIS B 412 1.82 -16.23 -30.61
C HIS B 412 2.09 -14.78 -30.25
#